data_6O55
#
_entry.id   6O55
#
_cell.length_a   137.280
_cell.length_b   88.560
_cell.length_c   52.510
_cell.angle_alpha   90.000
_cell.angle_beta   111.770
_cell.angle_gamma   90.000
#
_symmetry.space_group_name_H-M   'C 1 2 1'
#
loop_
_entity.id
_entity.type
_entity.pdbx_description
1 polymer 'N5-carboxyaminoimidazole ribonucleotide mutase'
2 non-polymer 1,2-ETHANEDIOL
3 non-polymer 'CHLORIDE ION'
4 non-polymer 'TETRAETHYLENE GLYCOL'
5 water water
#
_entity_poly.entity_id   1
_entity_poly.type   'polypeptide(L)'
_entity_poly.pdbx_seq_one_letter_code
;MAHHHHHHMKPILIGLIMGSQSDWQTLIHAAHTLDALNIGYEAEIVSAHRTPDKLFRYAEQAEARGLEVIIAGAGGAAHL
PGMVAAKTSLPVLGVPVMSQTLNGVDSLLSIVQMPAGIPVGTLSIGKAGAINSALFAAAILANKYPDIRAALKHYREQQT
QKVLDNPNPKEEKS
;
_entity_poly.pdbx_strand_id   A,B,C,D
#
loop_
_chem_comp.id
_chem_comp.type
_chem_comp.name
_chem_comp.formula
CL non-polymer 'CHLORIDE ION' 'Cl -1'
EDO non-polymer 1,2-ETHANEDIOL 'C2 H6 O2'
PG4 non-polymer 'TETRAETHYLENE GLYCOL' 'C8 H18 O5'
#
# COMPACT_ATOMS: atom_id res chain seq x y z
N LYS A 10 18.44 6.15 -38.98
CA LYS A 10 18.19 7.08 -37.89
C LYS A 10 19.28 6.95 -36.83
N PRO A 11 19.85 8.08 -36.42
CA PRO A 11 20.89 8.06 -35.38
C PRO A 11 20.32 7.63 -34.03
N ILE A 12 21.12 6.87 -33.29
CA ILE A 12 20.70 6.36 -31.98
C ILE A 12 21.06 7.41 -30.94
N LEU A 13 20.05 8.09 -30.42
CA LEU A 13 20.24 9.20 -29.49
C LEU A 13 19.95 8.82 -28.04
N ILE A 14 19.22 7.73 -27.81
CA ILE A 14 18.76 7.37 -26.49
C ILE A 14 19.20 5.94 -26.18
N GLY A 15 19.79 5.74 -25.01
CA GLY A 15 20.00 4.42 -24.46
C GLY A 15 18.90 4.13 -23.47
N LEU A 16 18.17 3.05 -23.71
CA LEU A 16 17.04 2.64 -22.89
C LEU A 16 17.46 1.37 -22.17
N ILE A 17 17.77 1.47 -20.89
CA ILE A 17 18.38 0.35 -20.18
C ILE A 17 17.57 0.01 -18.95
N MET A 18 17.67 -1.24 -18.51
CA MET A 18 16.90 -1.75 -17.40
C MET A 18 17.65 -2.90 -16.74
N GLY A 19 17.38 -3.13 -15.45
CA GLY A 19 18.15 -4.10 -14.70
C GLY A 19 17.81 -5.55 -14.98
N SER A 20 16.58 -5.84 -15.43
CA SER A 20 16.19 -7.22 -15.66
C SER A 20 15.14 -7.30 -16.76
N GLN A 21 14.96 -8.52 -17.27
CA GLN A 21 13.98 -8.76 -18.33
C GLN A 21 12.58 -8.34 -17.91
N SER A 22 12.21 -8.60 -16.64
CA SER A 22 10.88 -8.25 -16.17
CA SER A 22 10.87 -8.25 -16.18
C SER A 22 10.62 -6.74 -16.24
N ASP A 23 11.67 -5.93 -16.10
CA ASP A 23 11.49 -4.48 -16.20
C ASP A 23 11.02 -4.06 -17.58
N TRP A 24 11.29 -4.86 -18.61
CA TRP A 24 10.88 -4.51 -19.97
C TRP A 24 9.36 -4.43 -20.11
N GLN A 25 8.63 -5.18 -19.27
CA GLN A 25 7.17 -5.03 -19.28
C GLN A 25 6.75 -3.59 -19.02
N THR A 26 7.56 -2.84 -18.29
CA THR A 26 7.34 -1.41 -18.05
C THR A 26 8.03 -0.53 -19.09
N LEU A 27 9.33 -0.76 -19.34
CA LEU A 27 10.07 0.14 -20.22
CA LEU A 27 10.07 0.14 -20.22
C LEU A 27 9.73 -0.03 -21.69
N ILE A 28 9.05 -1.11 -22.08
CA ILE A 28 8.62 -1.21 -23.48
C ILE A 28 7.70 -0.05 -23.84
N HIS A 29 7.00 0.51 -22.86
CA HIS A 29 6.13 1.64 -23.18
C HIS A 29 6.94 2.90 -23.51
N ALA A 30 8.16 3.02 -22.96
CA ALA A 30 9.05 4.09 -23.41
C ALA A 30 9.47 3.86 -24.86
N ALA A 31 9.87 2.63 -25.18
CA ALA A 31 10.24 2.29 -26.55
C ALA A 31 9.12 2.61 -27.54
N HIS A 32 7.89 2.21 -27.20
CA HIS A 32 6.74 2.50 -28.06
C HIS A 32 6.60 4.00 -28.31
N THR A 33 6.74 4.81 -27.26
CA THR A 33 6.60 6.25 -27.42
C THR A 33 7.72 6.81 -28.28
N LEU A 34 8.95 6.32 -28.09
CA LEU A 34 10.06 6.75 -28.95
C LEU A 34 9.82 6.35 -30.40
N ASP A 35 9.29 5.15 -30.63
CA ASP A 35 8.95 4.74 -31.99
C ASP A 35 7.92 5.68 -32.61
N ALA A 36 6.90 6.06 -31.83
CA ALA A 36 5.88 6.97 -32.34
C ALA A 36 6.46 8.33 -32.69
N LEU A 37 7.49 8.78 -31.97
CA LEU A 37 8.13 10.06 -32.24
C LEU A 37 9.26 9.94 -33.26
N ASN A 38 9.55 8.74 -33.75
CA ASN A 38 10.61 8.50 -34.73
CA ASN A 38 10.61 8.50 -34.73
C ASN A 38 11.98 8.90 -34.18
N ILE A 39 12.22 8.59 -32.90
CA ILE A 39 13.51 8.85 -32.27
C ILE A 39 14.27 7.53 -32.15
N GLY A 40 15.53 7.52 -32.58
CA GLY A 40 16.33 6.31 -32.53
C GLY A 40 16.81 6.00 -31.12
N TYR A 41 16.77 4.72 -30.76
CA TYR A 41 17.17 4.27 -29.43
C TYR A 41 17.70 2.85 -29.53
N GLU A 42 18.45 2.45 -28.51
CA GLU A 42 18.88 1.08 -28.29
C GLU A 42 18.41 0.65 -26.91
N ALA A 43 17.91 -0.57 -26.80
CA ALA A 43 17.39 -1.11 -25.55
C ALA A 43 18.26 -2.27 -25.10
N GLU A 44 18.64 -2.27 -23.82
CA GLU A 44 19.61 -3.26 -23.36
C GLU A 44 19.42 -3.54 -21.88
N ILE A 45 19.67 -4.80 -21.51
CA ILE A 45 19.67 -5.19 -20.10
C ILE A 45 21.03 -4.87 -19.51
N VAL A 46 21.06 -4.01 -18.49
CA VAL A 46 22.25 -3.62 -17.76
C VAL A 46 21.90 -3.68 -16.28
N SER A 47 22.54 -4.58 -15.53
CA SER A 47 22.17 -4.79 -14.13
C SER A 47 23.20 -4.16 -13.20
N ALA A 48 22.76 -3.22 -12.37
CA ALA A 48 23.66 -2.63 -11.39
C ALA A 48 24.22 -3.70 -10.44
N HIS A 49 23.40 -4.69 -10.09
CA HIS A 49 23.79 -5.67 -9.10
C HIS A 49 24.42 -6.92 -9.69
N ARG A 50 23.96 -7.37 -10.85
CA ARG A 50 24.50 -8.60 -11.44
C ARG A 50 25.54 -8.37 -12.53
N THR A 51 25.56 -7.21 -13.19
CA THR A 51 26.59 -6.87 -14.18
C THR A 51 27.19 -5.49 -13.87
N PRO A 52 27.78 -5.31 -12.68
CA PRO A 52 28.30 -3.98 -12.33
C PRO A 52 29.41 -3.48 -13.26
N ASP A 53 30.29 -4.37 -13.71
CA ASP A 53 31.33 -3.94 -14.63
C ASP A 53 30.74 -3.48 -15.95
N LYS A 54 29.73 -4.19 -16.45
CA LYS A 54 29.07 -3.77 -17.68
C LYS A 54 28.43 -2.39 -17.53
N LEU A 55 27.78 -2.14 -16.38
CA LEU A 55 27.22 -0.81 -16.12
C LEU A 55 28.29 0.25 -16.29
N PHE A 56 29.46 0.04 -15.68
CA PHE A 56 30.51 1.05 -15.79
C PHE A 56 30.97 1.23 -17.23
N ARG A 57 31.15 0.13 -17.98
CA ARG A 57 31.57 0.27 -19.37
CA ARG A 57 31.55 0.24 -19.39
C ARG A 57 30.49 0.96 -20.19
N TYR A 58 29.22 0.59 -19.98
CA TYR A 58 28.13 1.23 -20.71
C TYR A 58 28.12 2.74 -20.50
N ALA A 59 28.20 3.16 -19.23
CA ALA A 59 28.19 4.59 -18.92
C ALA A 59 29.38 5.29 -19.54
N GLU A 60 30.57 4.70 -19.39
CA GLU A 60 31.80 5.33 -19.88
C GLU A 60 31.74 5.59 -21.38
N GLN A 61 31.11 4.69 -22.13
CA GLN A 61 31.18 4.72 -23.58
C GLN A 61 29.98 5.41 -24.23
N ALA A 62 28.97 5.78 -23.44
CA ALA A 62 27.72 6.29 -24.00
C ALA A 62 27.94 7.58 -24.79
N GLU A 63 28.70 8.51 -24.23
CA GLU A 63 28.85 9.81 -24.88
C GLU A 63 29.62 9.68 -26.18
N ALA A 64 30.72 8.92 -26.18
CA ALA A 64 31.53 8.77 -27.39
C ALA A 64 30.76 8.02 -28.47
N ARG A 65 29.81 7.18 -28.07
CA ARG A 65 28.93 6.46 -28.99
C ARG A 65 27.85 7.34 -29.61
N GLY A 66 27.70 8.59 -29.16
CA GLY A 66 26.67 9.46 -29.69
C GLY A 66 25.38 9.48 -28.90
N LEU A 67 25.24 8.68 -27.85
CA LEU A 67 24.05 8.77 -27.03
C LEU A 67 23.99 10.14 -26.35
N GLU A 68 22.79 10.69 -26.24
CA GLU A 68 22.57 11.99 -25.63
C GLU A 68 21.71 11.95 -24.39
N VAL A 69 20.83 10.95 -24.24
CA VAL A 69 20.00 10.79 -23.06
C VAL A 69 19.98 9.31 -22.73
N ILE A 70 20.00 8.99 -21.44
CA ILE A 70 19.85 7.63 -20.97
CA ILE A 70 19.86 7.63 -20.95
C ILE A 70 18.57 7.55 -20.16
N ILE A 71 17.72 6.58 -20.49
CA ILE A 71 16.55 6.25 -19.68
C ILE A 71 16.84 4.92 -19.00
N ALA A 72 16.79 4.90 -17.68
CA ALA A 72 17.15 3.71 -16.92
C ALA A 72 15.99 3.34 -16.01
N GLY A 73 15.53 2.10 -16.10
CA GLY A 73 14.42 1.61 -15.28
C GLY A 73 14.89 0.53 -14.33
N ALA A 74 14.45 0.63 -13.08
CA ALA A 74 14.82 -0.40 -12.11
C ALA A 74 13.79 -0.40 -10.98
N GLY A 75 13.67 -1.54 -10.33
CA GLY A 75 12.74 -1.71 -9.23
C GLY A 75 13.38 -2.12 -7.92
N GLY A 76 12.66 -1.89 -6.82
CA GLY A 76 13.19 -2.28 -5.52
C GLY A 76 14.25 -1.30 -5.06
N ALA A 77 15.35 -1.81 -4.51
CA ALA A 77 16.50 -0.97 -4.21
C ALA A 77 17.18 -0.69 -5.54
N ALA A 78 16.68 0.35 -6.22
CA ALA A 78 17.00 0.61 -7.62
C ALA A 78 18.25 1.47 -7.68
N HIS A 79 19.37 0.87 -8.07
CA HIS A 79 20.63 1.56 -8.11
C HIS A 79 21.10 1.87 -9.53
N LEU A 80 20.47 1.29 -10.54
CA LEU A 80 20.95 1.45 -11.92
C LEU A 80 20.96 2.91 -12.38
N PRO A 81 19.88 3.70 -12.28
CA PRO A 81 19.97 5.10 -12.77
C PRO A 81 21.03 5.89 -12.04
N GLY A 82 21.14 5.77 -10.72
CA GLY A 82 22.10 6.57 -9.98
C GLY A 82 23.54 6.22 -10.30
N MET A 83 23.83 4.93 -10.47
CA MET A 83 25.22 4.58 -10.77
C MET A 83 25.59 4.94 -12.21
N VAL A 84 24.65 4.88 -13.15
CA VAL A 84 24.95 5.39 -14.49
C VAL A 84 25.23 6.88 -14.43
N ALA A 85 24.39 7.64 -13.70
CA ALA A 85 24.60 9.09 -13.60
C ALA A 85 25.95 9.43 -12.96
N ALA A 86 26.44 8.55 -12.06
CA ALA A 86 27.75 8.74 -11.44
C ALA A 86 28.90 8.55 -12.44
N LYS A 87 28.67 7.84 -13.53
CA LYS A 87 29.73 7.44 -14.44
C LYS A 87 29.64 8.04 -15.83
N THR A 88 28.58 8.78 -16.16
CA THR A 88 28.55 9.60 -17.37
C THR A 88 27.93 10.95 -17.02
N SER A 89 28.35 12.00 -17.72
CA SER A 89 27.77 13.32 -17.53
C SER A 89 26.52 13.55 -18.38
N LEU A 90 26.14 12.59 -19.22
CA LEU A 90 24.89 12.70 -19.96
C LEU A 90 23.71 12.75 -19.00
N PRO A 91 22.63 13.45 -19.35
CA PRO A 91 21.43 13.39 -18.50
C PRO A 91 20.85 11.98 -18.45
N VAL A 92 20.58 11.52 -17.23
CA VAL A 92 20.03 10.18 -16.98
C VAL A 92 18.63 10.36 -16.40
N LEU A 93 17.65 9.73 -17.04
CA LEU A 93 16.28 9.73 -16.54
C LEU A 93 16.00 8.41 -15.85
N GLY A 94 15.25 8.47 -14.74
CA GLY A 94 15.00 7.26 -13.99
C GLY A 94 13.53 6.90 -13.97
N VAL A 95 13.20 5.66 -14.29
CA VAL A 95 11.84 5.15 -14.27
C VAL A 95 11.73 4.15 -13.11
N PRO A 96 11.01 4.47 -12.04
CA PRO A 96 10.83 3.51 -10.93
C PRO A 96 9.85 2.44 -11.35
N VAL A 97 10.30 1.19 -11.38
CA VAL A 97 9.45 0.06 -11.74
C VAL A 97 8.64 -0.35 -10.53
N MET A 98 7.36 -0.64 -10.75
CA MET A 98 6.52 -1.07 -9.65
CA MET A 98 6.50 -1.10 -9.68
C MET A 98 7.07 -2.36 -9.06
N SER A 99 7.16 -2.40 -7.74
CA SER A 99 7.66 -3.56 -7.02
C SER A 99 6.48 -4.35 -6.46
N GLN A 100 6.68 -5.67 -6.35
CA GLN A 100 5.61 -6.52 -5.85
C GLN A 100 5.28 -6.23 -4.39
N THR A 101 6.29 -5.95 -3.57
CA THR A 101 6.03 -5.79 -2.14
C THR A 101 5.61 -4.36 -1.76
N LEU A 102 6.29 -3.34 -2.30
CA LEU A 102 6.05 -1.97 -1.84
C LEU A 102 5.49 -1.06 -2.94
N ASN A 103 4.92 -1.62 -4.01
CA ASN A 103 4.25 -0.84 -5.05
C ASN A 103 5.16 0.23 -5.66
N GLY A 104 6.45 -0.05 -5.75
CA GLY A 104 7.37 0.93 -6.33
C GLY A 104 7.73 2.08 -5.42
N VAL A 105 7.33 2.08 -4.15
CA VAL A 105 7.77 3.14 -3.26
C VAL A 105 9.27 3.03 -2.98
N ASP A 106 9.76 1.79 -2.80
CA ASP A 106 11.19 1.60 -2.70
C ASP A 106 11.88 2.03 -3.98
N SER A 107 11.33 1.66 -5.14
CA SER A 107 11.90 2.08 -6.41
C SER A 107 12.02 3.59 -6.49
N LEU A 108 10.95 4.30 -6.11
CA LEU A 108 10.91 5.75 -6.26
C LEU A 108 11.93 6.43 -5.36
N LEU A 109 11.94 6.08 -4.07
CA LEU A 109 12.87 6.75 -3.18
C LEU A 109 14.32 6.42 -3.52
N SER A 110 14.60 5.18 -3.96
CA SER A 110 15.98 4.82 -4.27
CA SER A 110 15.97 4.79 -4.31
C SER A 110 16.47 5.51 -5.54
N ILE A 111 15.58 6.05 -6.35
CA ILE A 111 15.97 6.78 -7.56
C ILE A 111 15.96 8.29 -7.34
N VAL A 112 14.87 8.84 -6.79
CA VAL A 112 14.74 10.29 -6.79
C VAL A 112 15.62 10.96 -5.72
N GLN A 113 15.86 10.28 -4.58
CA GLN A 113 16.50 10.96 -3.44
C GLN A 113 18.03 11.00 -3.54
N MET A 114 18.57 11.20 -4.74
CA MET A 114 20.00 11.33 -4.88
C MET A 114 20.53 12.52 -4.06
N PRO A 115 21.61 12.35 -3.31
CA PRO A 115 22.26 13.49 -2.68
C PRO A 115 22.79 14.48 -3.71
N ALA A 116 23.00 15.71 -3.26
CA ALA A 116 23.53 16.76 -4.12
C ALA A 116 24.84 16.33 -4.78
N GLY A 117 24.94 16.58 -6.08
CA GLY A 117 26.19 16.34 -6.79
C GLY A 117 26.02 15.49 -8.04
N ILE A 118 25.10 14.51 -7.98
CA ILE A 118 24.84 13.61 -9.10
C ILE A 118 23.33 13.50 -9.28
N PRO A 119 22.75 14.07 -10.32
CA PRO A 119 21.29 14.06 -10.47
C PRO A 119 20.76 12.91 -11.29
N VAL A 120 19.52 12.51 -10.97
CA VAL A 120 18.71 11.66 -11.84
C VAL A 120 17.34 12.30 -12.00
N GLY A 121 16.95 12.61 -13.23
CA GLY A 121 15.62 13.17 -13.46
C GLY A 121 14.59 12.07 -13.39
N THR A 122 13.72 12.09 -12.37
CA THR A 122 12.85 10.96 -12.07
C THR A 122 11.43 11.19 -12.56
N LEU A 123 10.82 10.15 -13.11
CA LEU A 123 9.45 10.17 -13.61
C LEU A 123 8.57 9.31 -12.71
N SER A 124 7.27 9.24 -13.06
CA SER A 124 6.27 8.53 -12.25
CA SER A 124 6.30 8.55 -12.22
C SER A 124 6.62 7.06 -12.10
N ILE A 125 6.14 6.46 -11.00
CA ILE A 125 6.21 5.01 -10.86
C ILE A 125 5.46 4.34 -12.02
N GLY A 126 6.06 3.33 -12.61
CA GLY A 126 5.35 2.43 -13.51
C GLY A 126 5.24 2.91 -14.95
N LYS A 127 4.21 2.39 -15.62
CA LYS A 127 4.01 2.63 -17.05
C LYS A 127 3.94 4.12 -17.38
N ALA A 128 3.30 4.91 -16.52
CA ALA A 128 3.18 6.35 -16.77
C ALA A 128 4.55 7.01 -16.84
N GLY A 129 5.46 6.59 -15.95
CA GLY A 129 6.81 7.14 -15.97
C GLY A 129 7.63 6.68 -17.16
N ALA A 130 7.43 5.43 -17.61
CA ALA A 130 8.13 4.97 -18.80
C ALA A 130 7.73 5.82 -20.02
N ILE A 131 6.41 6.01 -20.21
CA ILE A 131 5.95 6.86 -21.31
C ILE A 131 6.53 8.27 -21.16
N ASN A 132 6.44 8.83 -19.94
CA ASN A 132 6.91 10.19 -19.73
C ASN A 132 8.43 10.31 -19.84
N SER A 133 9.18 9.23 -19.56
CA SER A 133 10.62 9.30 -19.75
C SER A 133 10.96 9.48 -21.22
N ALA A 134 10.22 8.82 -22.11
CA ALA A 134 10.41 9.02 -23.53
C ALA A 134 10.05 10.43 -23.94
N LEU A 135 8.92 10.95 -23.43
CA LEU A 135 8.49 12.29 -23.77
C LEU A 135 9.48 13.34 -23.24
N PHE A 136 10.03 13.10 -22.05
CA PHE A 136 11.01 14.04 -21.50
C PHE A 136 12.33 13.97 -22.26
N ALA A 137 12.77 12.76 -22.62
CA ALA A 137 13.96 12.67 -23.46
C ALA A 137 13.75 13.42 -24.77
N ALA A 138 12.56 13.31 -25.34
CA ALA A 138 12.26 14.06 -26.56
C ALA A 138 12.31 15.56 -26.30
N ALA A 139 11.79 16.01 -25.16
CA ALA A 139 11.87 17.42 -24.80
C ALA A 139 13.32 17.89 -24.71
N ILE A 140 14.20 17.05 -24.15
CA ILE A 140 15.62 17.39 -24.08
C ILE A 140 16.21 17.51 -25.49
N LEU A 141 15.95 16.50 -26.32
CA LEU A 141 16.52 16.47 -27.68
C LEU A 141 15.95 17.56 -28.58
N ALA A 142 14.71 17.97 -28.32
CA ALA A 142 14.04 18.99 -29.11
C ALA A 142 14.74 20.34 -29.03
N ASN A 143 15.53 20.58 -27.98
CA ASN A 143 16.30 21.81 -27.93
C ASN A 143 17.38 21.82 -29.02
N LYS A 144 17.82 20.64 -29.44
CA LYS A 144 18.86 20.45 -30.45
C LYS A 144 18.32 20.23 -31.85
N TYR A 145 17.28 19.41 -31.97
CA TYR A 145 16.89 18.83 -33.24
C TYR A 145 15.50 19.32 -33.65
N PRO A 146 15.41 20.21 -34.64
CA PRO A 146 14.09 20.74 -35.03
C PRO A 146 13.10 19.68 -35.49
N ASP A 147 13.58 18.59 -36.11
CA ASP A 147 12.68 17.51 -36.48
C ASP A 147 12.05 16.87 -35.24
N ILE A 148 12.84 16.73 -34.17
CA ILE A 148 12.30 16.16 -32.93
C ILE A 148 11.37 17.15 -32.25
N ARG A 149 11.75 18.43 -32.24
CA ARG A 149 10.87 19.45 -31.69
C ARG A 149 9.51 19.43 -32.39
N ALA A 150 9.52 19.35 -33.72
CA ALA A 150 8.27 19.30 -34.47
C ALA A 150 7.46 18.04 -34.12
N ALA A 151 8.14 16.89 -34.00
CA ALA A 151 7.45 15.65 -33.66
C ALA A 151 6.82 15.73 -32.28
N LEU A 152 7.55 16.28 -31.30
CA LEU A 152 7.02 16.38 -29.95
C LEU A 152 5.83 17.32 -29.89
N LYS A 153 5.94 18.48 -30.55
CA LYS A 153 4.83 19.43 -30.52
C LYS A 153 3.60 18.83 -31.20
N HIS A 154 3.79 18.07 -32.28
CA HIS A 154 2.66 17.42 -32.93
C HIS A 154 2.02 16.37 -32.01
N TYR A 155 2.85 15.59 -31.31
CA TYR A 155 2.33 14.64 -30.33
C TYR A 155 1.49 15.35 -29.28
N ARG A 156 2.00 16.47 -28.75
CA ARG A 156 1.27 17.19 -27.71
C ARG A 156 -0.01 17.80 -28.26
N GLU A 157 0.06 18.34 -29.49
CA GLU A 157 -1.14 18.93 -30.08
C GLU A 157 -2.22 17.87 -30.33
N GLN A 158 -1.82 16.68 -30.79
CA GLN A 158 -2.81 15.64 -31.06
C GLN A 158 -3.45 15.13 -29.78
N GLN A 159 -2.67 15.01 -28.71
CA GLN A 159 -3.25 14.49 -27.47
C GLN A 159 -4.17 15.53 -26.83
N THR A 160 -3.83 16.81 -26.96
CA THR A 160 -4.76 17.87 -26.52
C THR A 160 -6.04 17.83 -27.33
N GLN A 161 -5.94 17.78 -28.66
CA GLN A 161 -7.14 17.83 -29.49
C GLN A 161 -8.02 16.61 -29.29
N LYS A 162 -7.42 15.45 -28.96
CA LYS A 162 -8.23 14.27 -28.75
C LYS A 162 -9.13 14.43 -27.53
N VAL A 163 -8.61 15.04 -26.47
CA VAL A 163 -9.45 15.26 -25.29
C VAL A 163 -10.52 16.30 -25.60
N LEU A 164 -10.14 17.39 -26.29
CA LEU A 164 -11.10 18.42 -26.66
C LEU A 164 -12.23 17.85 -27.49
N ASP A 165 -11.91 16.93 -28.41
CA ASP A 165 -12.92 16.37 -29.31
C ASP A 165 -13.81 15.35 -28.62
N ASN A 166 -13.50 14.92 -27.40
CA ASN A 166 -14.29 13.93 -26.67
C ASN A 166 -14.58 14.44 -25.27
N PRO A 167 -15.40 15.49 -25.15
CA PRO A 167 -15.61 16.10 -23.83
C PRO A 167 -16.63 15.39 -22.95
N ASN A 168 -17.46 14.50 -23.50
CA ASN A 168 -18.56 13.92 -22.75
C ASN A 168 -18.18 12.55 -22.22
N PRO A 169 -18.09 12.34 -20.90
CA PRO A 169 -17.77 10.98 -20.41
C PRO A 169 -18.93 10.01 -20.57
N LYS A 170 -20.15 10.50 -20.71
CA LYS A 170 -21.31 9.64 -20.91
C LYS A 170 -21.36 9.12 -22.34
N LYS B 10 28.22 -33.77 5.40
CA LYS B 10 27.95 -32.34 5.32
C LYS B 10 27.38 -31.81 6.63
N PRO B 11 28.15 -30.97 7.32
CA PRO B 11 27.69 -30.42 8.59
C PRO B 11 26.48 -29.50 8.41
N ILE B 12 25.59 -29.54 9.40
CA ILE B 12 24.44 -28.64 9.42
C ILE B 12 24.90 -27.32 10.05
N LEU B 13 25.07 -26.30 9.22
CA LEU B 13 25.60 -25.02 9.66
C LEU B 13 24.54 -23.95 9.83
N ILE B 14 23.36 -24.12 9.25
CA ILE B 14 22.34 -23.08 9.23
C ILE B 14 21.06 -23.63 9.83
N GLY B 15 20.48 -22.88 10.76
CA GLY B 15 19.13 -23.13 11.23
C GLY B 15 18.19 -22.21 10.50
N LEU B 16 17.23 -22.79 9.79
CA LEU B 16 16.25 -22.03 9.00
C LEU B 16 14.90 -22.17 9.70
N ILE B 17 14.46 -21.10 10.35
CA ILE B 17 13.29 -21.21 11.22
C ILE B 17 12.27 -20.15 10.85
N MET B 18 11.02 -20.41 11.21
CA MET B 18 9.93 -19.53 10.81
C MET B 18 8.78 -19.74 11.79
N GLY B 19 7.95 -18.71 11.91
CA GLY B 19 6.92 -18.72 12.94
C GLY B 19 5.73 -19.62 12.66
N SER B 20 5.44 -19.92 11.39
CA SER B 20 4.24 -20.66 11.06
C SER B 20 4.42 -21.37 9.73
N GLN B 21 3.55 -22.35 9.49
CA GLN B 21 3.61 -23.13 8.27
C GLN B 21 3.47 -22.26 7.04
N SER B 22 2.60 -21.24 7.10
CA SER B 22 2.40 -20.38 5.95
CA SER B 22 2.40 -20.35 5.97
C SER B 22 3.67 -19.61 5.60
N ASP B 23 4.56 -19.37 6.57
CA ASP B 23 5.83 -18.68 6.26
C ASP B 23 6.72 -19.51 5.34
N TRP B 24 6.54 -20.83 5.31
CA TRP B 24 7.37 -21.70 4.48
C TRP B 24 7.23 -21.37 3.00
N GLN B 25 6.05 -20.88 2.58
CA GLN B 25 5.87 -20.47 1.19
C GLN B 25 6.90 -19.44 0.78
N THR B 26 7.41 -18.67 1.73
CA THR B 26 8.50 -17.72 1.50
C THR B 26 9.86 -18.34 1.78
N LEU B 27 10.05 -18.93 2.96
CA LEU B 27 11.37 -19.40 3.35
C LEU B 27 11.84 -20.64 2.59
N ILE B 28 10.95 -21.34 1.88
CA ILE B 28 11.38 -22.47 1.06
C ILE B 28 12.37 -22.01 0.00
N HIS B 29 12.29 -20.74 -0.40
CA HIS B 29 13.24 -20.24 -1.39
C HIS B 29 14.63 -20.07 -0.79
N ALA B 30 14.72 -19.80 0.51
CA ALA B 30 16.02 -19.86 1.18
C ALA B 30 16.57 -21.29 1.13
N ALA B 31 15.71 -22.26 1.47
CA ALA B 31 16.15 -23.66 1.47
C ALA B 31 16.63 -24.07 0.09
N HIS B 32 15.90 -23.68 -0.97
CA HIS B 32 16.29 -24.05 -2.33
C HIS B 32 17.66 -23.48 -2.67
N THR B 33 17.93 -22.25 -2.24
CA THR B 33 19.22 -21.62 -2.52
C THR B 33 20.35 -22.34 -1.78
N LEU B 34 20.13 -22.68 -0.50
CA LEU B 34 21.13 -23.43 0.25
C LEU B 34 21.39 -24.80 -0.38
N ASP B 35 20.35 -25.47 -0.88
CA ASP B 35 20.56 -26.72 -1.58
C ASP B 35 21.40 -26.52 -2.84
N ALA B 36 21.19 -25.41 -3.54
CA ALA B 36 21.99 -25.13 -4.74
C ALA B 36 23.46 -24.95 -4.38
N LEU B 37 23.75 -24.37 -3.22
CA LEU B 37 25.12 -24.14 -2.78
C LEU B 37 25.69 -25.31 -1.97
N ASN B 38 24.93 -26.39 -1.79
CA ASN B 38 25.35 -27.58 -1.03
C ASN B 38 25.75 -27.24 0.41
N ILE B 39 24.97 -26.37 1.05
CA ILE B 39 25.20 -25.97 2.43
C ILE B 39 24.18 -26.67 3.32
N GLY B 40 24.66 -27.34 4.37
CA GLY B 40 23.76 -28.10 5.25
C GLY B 40 22.92 -27.18 6.13
N TYR B 41 21.61 -27.46 6.18
CA TYR B 41 20.69 -26.69 7.00
C TYR B 41 19.59 -27.60 7.54
N GLU B 42 18.87 -27.10 8.53
CA GLU B 42 17.69 -27.76 9.08
C GLU B 42 16.58 -26.73 9.17
N ALA B 43 15.38 -27.09 8.72
CA ALA B 43 14.25 -26.17 8.72
C ALA B 43 13.27 -26.58 9.81
N GLU B 44 12.76 -25.60 10.54
CA GLU B 44 11.94 -25.90 11.70
C GLU B 44 10.96 -24.76 11.95
N ILE B 45 9.75 -25.11 12.39
CA ILE B 45 8.78 -24.11 12.81
C ILE B 45 9.01 -23.81 14.29
N VAL B 46 9.29 -22.54 14.58
CA VAL B 46 9.55 -22.04 15.92
C VAL B 46 8.77 -20.74 16.04
N SER B 47 7.75 -20.71 16.90
CA SER B 47 6.87 -19.55 16.99
C SER B 47 7.21 -18.74 18.24
N ALA B 48 7.57 -17.47 18.04
CA ALA B 48 7.79 -16.58 19.17
C ALA B 48 6.54 -16.44 20.03
N HIS B 49 5.36 -16.45 19.40
CA HIS B 49 4.13 -16.17 20.13
C HIS B 49 3.45 -17.44 20.63
N ARG B 50 3.54 -18.54 19.90
CA ARG B 50 2.85 -19.75 20.30
C ARG B 50 3.77 -20.79 20.94
N THR B 51 5.08 -20.77 20.64
CA THR B 51 6.04 -21.65 21.31
C THR B 51 7.21 -20.83 21.88
N PRO B 52 6.94 -19.89 22.79
CA PRO B 52 8.04 -19.07 23.33
C PRO B 52 9.10 -19.88 24.05
N ASP B 53 8.70 -20.91 24.80
CA ASP B 53 9.70 -21.71 25.51
C ASP B 53 10.61 -22.46 24.52
N LYS B 54 10.02 -23.02 23.47
CA LYS B 54 10.84 -23.69 22.45
C LYS B 54 11.80 -22.70 21.79
N LEU B 55 11.35 -21.46 21.55
CA LEU B 55 12.25 -20.47 20.97
C LEU B 55 13.51 -20.32 21.82
N PHE B 56 13.33 -20.17 23.13
CA PHE B 56 14.47 -19.98 24.01
C PHE B 56 15.38 -21.19 24.01
N ARG B 57 14.80 -22.40 24.08
CA ARG B 57 15.62 -23.61 24.05
C ARG B 57 16.39 -23.72 22.74
N TYR B 58 15.71 -23.45 21.62
CA TYR B 58 16.36 -23.49 20.31
C TYR B 58 17.55 -22.55 20.26
N ALA B 59 17.36 -21.30 20.70
CA ALA B 59 18.46 -20.35 20.65
C ALA B 59 19.58 -20.74 21.62
N GLU B 60 19.22 -21.20 22.82
CA GLU B 60 20.23 -21.58 23.81
C GLU B 60 21.13 -22.70 23.30
N GLN B 61 20.56 -23.64 22.54
CA GLN B 61 21.29 -24.84 22.16
C GLN B 61 21.94 -24.76 20.79
N ALA B 62 21.66 -23.70 20.02
CA ALA B 62 22.09 -23.65 18.61
C ALA B 62 23.60 -23.80 18.47
N GLU B 63 24.35 -23.04 19.26
CA GLU B 63 25.81 -23.07 19.14
C GLU B 63 26.36 -24.46 19.48
N ALA B 64 25.86 -25.07 20.56
CA ALA B 64 26.35 -26.38 20.97
C ALA B 64 26.05 -27.45 19.93
N ARG B 65 25.00 -27.27 19.14
CA ARG B 65 24.67 -28.20 18.05
C ARG B 65 25.47 -27.94 16.79
N GLY B 66 26.31 -26.91 16.78
CA GLY B 66 27.15 -26.65 15.64
C GLY B 66 26.59 -25.70 14.61
N LEU B 67 25.42 -25.12 14.85
CA LEU B 67 24.92 -24.08 13.95
C LEU B 67 25.81 -22.85 14.04
N GLU B 68 25.95 -22.16 12.91
CA GLU B 68 26.76 -20.94 12.86
C GLU B 68 25.99 -19.73 12.38
N VAL B 69 24.87 -19.90 11.67
CA VAL B 69 23.99 -18.81 11.26
C VAL B 69 22.55 -19.26 11.43
N ILE B 70 21.68 -18.35 11.87
CA ILE B 70 20.26 -18.61 11.95
CA ILE B 70 20.25 -18.59 11.96
C ILE B 70 19.56 -17.65 10.99
N ILE B 71 18.71 -18.21 10.11
CA ILE B 71 17.82 -17.45 9.24
C ILE B 71 16.43 -17.61 9.85
N ALA B 72 15.82 -16.49 10.26
CA ALA B 72 14.49 -16.52 10.86
C ALA B 72 13.53 -15.64 10.07
N GLY B 73 12.41 -16.21 9.65
CA GLY B 73 11.39 -15.47 8.92
C GLY B 73 10.11 -15.35 9.73
N ALA B 74 9.49 -14.16 9.69
CA ALA B 74 8.21 -13.95 10.35
C ALA B 74 7.52 -12.75 9.75
N GLY B 75 6.20 -12.72 9.89
CA GLY B 75 5.39 -11.65 9.31
C GLY B 75 4.54 -10.93 10.34
N GLY B 76 4.04 -9.74 10.01
CA GLY B 76 3.24 -8.98 10.96
C GLY B 76 4.12 -8.37 12.03
N ALA B 77 3.64 -8.36 13.26
CA ALA B 77 4.49 -8.00 14.39
C ALA B 77 5.48 -9.12 14.60
N ALA B 78 6.61 -9.05 13.90
CA ALA B 78 7.53 -10.19 13.74
C ALA B 78 8.58 -10.12 14.85
N HIS B 79 8.43 -11.00 15.85
CA HIS B 79 9.31 -11.02 17.01
C HIS B 79 10.30 -12.18 17.01
N LEU B 80 10.14 -13.15 16.12
CA LEU B 80 11.00 -14.33 16.13
C LEU B 80 12.48 -13.98 15.92
N PRO B 81 12.89 -13.24 14.88
CA PRO B 81 14.33 -12.97 14.74
C PRO B 81 14.92 -12.25 15.95
N GLY B 82 14.24 -11.23 16.47
CA GLY B 82 14.83 -10.43 17.52
C GLY B 82 14.98 -11.19 18.82
N MET B 83 14.02 -12.05 19.13
CA MET B 83 14.13 -12.81 20.36
C MET B 83 15.17 -13.93 20.26
N VAL B 84 15.34 -14.52 19.08
CA VAL B 84 16.45 -15.46 18.89
C VAL B 84 17.79 -14.75 19.10
N ALA B 85 17.95 -13.57 18.50
CA ALA B 85 19.20 -12.82 18.66
C ALA B 85 19.44 -12.38 20.09
N ALA B 86 18.37 -12.24 20.88
CA ALA B 86 18.54 -11.93 22.29
C ALA B 86 19.07 -13.13 23.09
N LYS B 87 18.94 -14.34 22.55
CA LYS B 87 19.20 -15.57 23.30
C LYS B 87 20.33 -16.41 22.74
N THR B 88 20.91 -16.04 21.59
CA THR B 88 22.15 -16.64 21.13
C THR B 88 23.04 -15.54 20.57
N SER B 89 24.35 -15.75 20.67
CA SER B 89 25.30 -14.78 20.11
C SER B 89 25.61 -15.08 18.64
N LEU B 90 25.06 -16.15 18.08
CA LEU B 90 25.21 -16.42 16.66
C LEU B 90 24.56 -15.30 15.85
N PRO B 91 25.08 -15.00 14.65
CA PRO B 91 24.41 -14.02 13.79
C PRO B 91 23.04 -14.52 13.36
N VAL B 92 22.04 -13.65 13.52
CA VAL B 92 20.66 -13.95 13.14
C VAL B 92 20.28 -13.07 11.96
N LEU B 93 19.79 -13.68 10.90
CA LEU B 93 19.30 -13.00 9.71
C LEU B 93 17.78 -13.01 9.70
N GLY B 94 17.17 -11.87 9.45
CA GLY B 94 15.71 -11.73 9.50
C GLY B 94 15.13 -11.59 8.10
N VAL B 95 14.14 -12.43 7.80
CA VAL B 95 13.40 -12.36 6.55
C VAL B 95 12.00 -11.83 6.85
N PRO B 96 11.67 -10.59 6.50
CA PRO B 96 10.29 -10.10 6.68
C PRO B 96 9.35 -10.76 5.69
N VAL B 97 8.37 -11.48 6.21
CA VAL B 97 7.39 -12.13 5.35
C VAL B 97 6.32 -11.13 4.96
N MET B 98 5.89 -11.20 3.70
CA MET B 98 4.82 -10.34 3.24
C MET B 98 3.57 -10.55 4.08
N SER B 99 2.98 -9.46 4.54
CA SER B 99 1.75 -9.53 5.31
C SER B 99 0.57 -9.12 4.43
N GLN B 100 -0.59 -9.71 4.69
CA GLN B 100 -1.76 -9.45 3.86
C GLN B 100 -2.22 -8.00 3.97
N THR B 101 -2.19 -7.43 5.18
CA THR B 101 -2.76 -6.09 5.36
C THR B 101 -1.77 -4.98 5.01
N LEU B 102 -0.51 -5.09 5.44
CA LEU B 102 0.45 -4.00 5.27
C LEU B 102 1.62 -4.35 4.35
N ASN B 103 1.51 -5.44 3.58
CA ASN B 103 2.50 -5.78 2.54
CA ASN B 103 2.48 -5.79 2.54
C ASN B 103 3.90 -5.95 3.11
N GLY B 104 3.99 -6.46 4.34
CA GLY B 104 5.27 -6.67 4.97
C GLY B 104 5.93 -5.45 5.54
N VAL B 105 5.30 -4.28 5.49
CA VAL B 105 5.88 -3.10 6.14
C VAL B 105 5.93 -3.29 7.64
N ASP B 106 4.89 -3.89 8.23
CA ASP B 106 4.95 -4.20 9.65
C ASP B 106 6.06 -5.23 9.91
N SER B 107 6.17 -6.26 9.06
CA SER B 107 7.24 -7.25 9.21
C SER B 107 8.61 -6.58 9.18
N LEU B 108 8.84 -5.73 8.18
CA LEU B 108 10.13 -5.08 8.02
C LEU B 108 10.51 -4.26 9.25
N LEU B 109 9.61 -3.36 9.69
CA LEU B 109 9.98 -2.48 10.80
C LEU B 109 10.15 -3.27 12.10
N SER B 110 9.36 -4.32 12.30
CA SER B 110 9.45 -5.11 13.53
CA SER B 110 9.48 -5.06 13.56
C SER B 110 10.74 -5.93 13.61
N ILE B 111 11.40 -6.15 12.48
CA ILE B 111 12.64 -6.92 12.45
C ILE B 111 13.85 -6.01 12.40
N VAL B 112 13.83 -4.99 11.54
CA VAL B 112 15.07 -4.24 11.30
C VAL B 112 15.34 -3.21 12.41
N GLN B 113 14.29 -2.63 13.02
CA GLN B 113 14.50 -1.49 13.93
C GLN B 113 14.91 -1.89 15.33
N MET B 114 15.79 -2.89 15.47
CA MET B 114 16.25 -3.31 16.79
C MET B 114 17.01 -2.18 17.46
N PRO B 115 16.74 -1.90 18.74
CA PRO B 115 17.58 -0.94 19.47
C PRO B 115 19.02 -1.45 19.57
N ALA B 116 19.93 -0.52 19.82
CA ALA B 116 21.34 -0.83 19.99
C ALA B 116 21.52 -1.92 21.04
N GLY B 117 22.34 -2.93 20.73
CA GLY B 117 22.70 -3.95 21.70
C GLY B 117 22.47 -5.37 21.23
N ILE B 118 21.41 -5.57 20.43
CA ILE B 118 21.05 -6.88 19.90
C ILE B 118 20.71 -6.70 18.42
N PRO B 119 21.59 -7.13 17.51
CA PRO B 119 21.35 -6.92 16.07
C PRO B 119 20.62 -8.06 15.39
N VAL B 120 19.87 -7.71 14.34
CA VAL B 120 19.38 -8.68 13.36
C VAL B 120 19.72 -8.16 11.97
N GLY B 121 20.47 -8.96 11.20
CA GLY B 121 20.79 -8.59 9.82
C GLY B 121 19.57 -8.82 8.93
N THR B 122 18.96 -7.75 8.42
CA THR B 122 17.66 -7.86 7.79
C THR B 122 17.77 -7.82 6.27
N LEU B 123 16.99 -8.67 5.60
CA LEU B 123 16.95 -8.75 4.13
C LEU B 123 15.61 -8.20 3.62
N SER B 124 15.48 -8.20 2.30
CA SER B 124 14.29 -7.65 1.63
CA SER B 124 14.29 -7.64 1.65
C SER B 124 13.01 -8.34 2.10
N ILE B 125 11.89 -7.60 2.02
CA ILE B 125 10.59 -8.22 2.26
C ILE B 125 10.38 -9.33 1.25
N GLY B 126 9.92 -10.49 1.73
CA GLY B 126 9.41 -11.50 0.84
C GLY B 126 10.44 -12.46 0.27
N LYS B 127 10.05 -13.05 -0.88
CA LYS B 127 10.86 -14.07 -1.52
C LYS B 127 12.28 -13.59 -1.82
N ALA B 128 12.43 -12.33 -2.27
CA ALA B 128 13.76 -11.82 -2.55
C ALA B 128 14.63 -11.86 -1.29
N GLY B 129 14.02 -11.55 -0.14
CA GLY B 129 14.76 -11.61 1.12
C GLY B 129 15.08 -13.03 1.57
N ALA B 130 14.19 -13.97 1.27
CA ALA B 130 14.49 -15.36 1.61
C ALA B 130 15.71 -15.84 0.83
N ILE B 131 15.73 -15.57 -0.48
CA ILE B 131 16.86 -16.00 -1.30
C ILE B 131 18.14 -15.30 -0.81
N ASN B 132 18.05 -14.00 -0.55
CA ASN B 132 19.23 -13.26 -0.13
C ASN B 132 19.69 -13.65 1.27
N SER B 133 18.78 -14.15 2.13
CA SER B 133 19.24 -14.58 3.45
C SER B 133 20.14 -15.81 3.32
N ALA B 134 19.82 -16.69 2.37
CA ALA B 134 20.67 -17.84 2.10
C ALA B 134 22.02 -17.42 1.52
N LEU B 135 21.99 -16.50 0.54
CA LEU B 135 23.24 -16.02 -0.04
C LEU B 135 24.07 -15.28 1.01
N PHE B 136 23.43 -14.56 1.93
CA PHE B 136 24.18 -13.85 2.96
C PHE B 136 24.76 -14.82 4.00
N ALA B 137 23.97 -15.80 4.44
CA ALA B 137 24.52 -16.86 5.28
C ALA B 137 25.72 -17.52 4.61
N ALA B 138 25.62 -17.79 3.31
CA ALA B 138 26.76 -18.34 2.59
C ALA B 138 27.97 -17.42 2.65
N ALA B 139 27.75 -16.10 2.52
CA ALA B 139 28.86 -15.16 2.56
C ALA B 139 29.53 -15.17 3.94
N ILE B 140 28.73 -15.28 5.00
CA ILE B 140 29.27 -15.39 6.35
C ILE B 140 30.13 -16.64 6.47
N LEU B 141 29.58 -17.79 6.05
CA LEU B 141 30.26 -19.07 6.19
C LEU B 141 31.50 -19.14 5.30
N ALA B 142 31.49 -18.42 4.18
CA ALA B 142 32.60 -18.47 3.23
C ALA B 142 33.89 -17.92 3.82
N ASN B 143 33.82 -17.07 4.86
CA ASN B 143 35.06 -16.63 5.51
C ASN B 143 35.79 -17.77 6.21
N LYS B 144 35.06 -18.81 6.61
CA LYS B 144 35.60 -19.92 7.38
C LYS B 144 35.77 -21.18 6.56
N TYR B 145 34.95 -21.39 5.54
CA TYR B 145 34.90 -22.65 4.81
C TYR B 145 35.23 -22.44 3.34
N PRO B 146 36.45 -22.78 2.91
CA PRO B 146 36.82 -22.53 1.50
C PRO B 146 35.90 -23.17 0.49
N ASP B 147 35.34 -24.35 0.78
CA ASP B 147 34.42 -24.97 -0.18
C ASP B 147 33.17 -24.12 -0.39
N ILE B 148 32.69 -23.47 0.67
CA ILE B 148 31.50 -22.63 0.54
C ILE B 148 31.86 -21.35 -0.21
N ARG B 149 33.05 -20.82 0.02
CA ARG B 149 33.49 -19.65 -0.75
C ARG B 149 33.53 -19.98 -2.23
N ALA B 150 34.04 -21.15 -2.59
CA ALA B 150 34.10 -21.52 -4.01
C ALA B 150 32.70 -21.67 -4.60
N ALA B 151 31.79 -22.29 -3.84
CA ALA B 151 30.43 -22.45 -4.33
C ALA B 151 29.73 -21.09 -4.52
N LEU B 152 29.94 -20.17 -3.59
CA LEU B 152 29.28 -18.86 -3.69
C LEU B 152 29.85 -18.04 -4.83
N LYS B 153 31.17 -18.08 -5.00
CA LYS B 153 31.78 -17.34 -6.10
C LYS B 153 31.30 -17.91 -7.44
N HIS B 154 31.17 -19.23 -7.53
CA HIS B 154 30.67 -19.82 -8.79
C HIS B 154 29.23 -19.40 -9.04
N TYR B 155 28.40 -19.40 -8.00
CA TYR B 155 27.01 -18.95 -8.12
C TYR B 155 26.96 -17.52 -8.64
N ARG B 156 27.76 -16.63 -8.05
CA ARG B 156 27.74 -15.24 -8.47
C ARG B 156 28.26 -15.07 -9.88
N GLU B 157 29.31 -15.81 -10.25
CA GLU B 157 29.83 -15.69 -11.61
C GLU B 157 28.82 -16.14 -12.65
N GLN B 158 28.13 -17.26 -12.39
CA GLN B 158 27.14 -17.74 -13.36
C GLN B 158 25.91 -16.85 -13.40
N GLN B 159 25.54 -16.27 -12.25
CA GLN B 159 24.47 -15.28 -12.22
C GLN B 159 24.81 -14.07 -13.09
N THR B 160 26.06 -13.61 -13.01
CA THR B 160 26.50 -12.49 -13.84
C THR B 160 26.51 -12.86 -15.32
N GLN B 161 27.05 -14.03 -15.65
CA GLN B 161 27.15 -14.43 -17.04
C GLN B 161 25.78 -14.59 -17.68
N LYS B 162 24.80 -15.09 -16.92
CA LYS B 162 23.47 -15.28 -17.49
C LYS B 162 22.87 -13.95 -17.94
N VAL B 163 23.10 -12.87 -17.18
CA VAL B 163 22.61 -11.57 -17.61
C VAL B 163 23.41 -11.07 -18.81
N LEU B 164 24.74 -11.18 -18.75
CA LEU B 164 25.57 -10.77 -19.88
C LEU B 164 25.19 -11.51 -21.16
N ASP B 165 24.84 -12.79 -21.05
CA ASP B 165 24.53 -13.59 -22.22
C ASP B 165 23.15 -13.30 -22.81
N ASN B 166 22.32 -12.51 -22.13
CA ASN B 166 20.98 -12.16 -22.61
C ASN B 166 20.81 -10.65 -22.50
N PRO B 167 21.50 -9.88 -23.33
CA PRO B 167 21.48 -8.42 -23.20
C PRO B 167 20.27 -7.74 -23.83
N ASN B 168 19.51 -8.43 -24.67
CA ASN B 168 18.42 -7.79 -25.38
C ASN B 168 17.08 -8.18 -24.78
N PRO B 169 16.25 -7.22 -24.41
CA PRO B 169 14.96 -7.56 -23.79
C PRO B 169 13.94 -8.05 -24.80
N LYS B 170 13.03 -8.89 -24.31
CA LYS B 170 11.72 -9.13 -24.92
C LYS B 170 10.90 -10.07 -24.02
N LYS C 10 -26.05 -18.81 28.58
CA LYS C 10 -24.93 -18.00 29.05
C LYS C 10 -25.33 -16.56 29.24
N PRO C 11 -24.76 -15.91 30.26
CA PRO C 11 -24.87 -14.45 30.35
C PRO C 11 -24.17 -13.78 29.19
N ILE C 12 -24.81 -12.77 28.62
CA ILE C 12 -24.26 -12.02 27.50
C ILE C 12 -23.27 -11.02 28.06
N LEU C 13 -21.97 -11.29 27.89
CA LEU C 13 -20.94 -10.46 28.50
C LEU C 13 -20.24 -9.53 27.53
N ILE C 14 -20.37 -9.77 26.23
CA ILE C 14 -19.66 -9.01 25.21
C ILE C 14 -20.67 -8.48 24.20
N GLY C 15 -20.59 -7.18 23.91
CA GLY C 15 -21.28 -6.60 22.79
C GLY C 15 -20.31 -6.48 21.63
N LEU C 16 -20.63 -7.17 20.54
CA LEU C 16 -19.79 -7.20 19.35
C LEU C 16 -20.50 -6.34 18.31
N ILE C 17 -20.00 -5.13 18.06
CA ILE C 17 -20.74 -4.19 17.24
C ILE C 17 -19.87 -3.73 16.08
N MET C 18 -20.53 -3.24 15.03
CA MET C 18 -19.83 -2.87 13.80
C MET C 18 -20.67 -1.86 13.04
N GLY C 19 -19.98 -1.07 12.20
CA GLY C 19 -20.64 0.05 11.57
C GLY C 19 -21.55 -0.34 10.42
N SER C 20 -21.29 -1.47 9.79
CA SER C 20 -22.05 -1.84 8.61
C SER C 20 -22.03 -3.35 8.44
N GLN C 21 -22.95 -3.82 7.59
CA GLN C 21 -23.03 -5.27 7.32
C GLN C 21 -21.72 -5.80 6.76
N SER C 22 -21.07 -5.03 5.87
CA SER C 22 -19.84 -5.50 5.27
CA SER C 22 -19.84 -5.52 5.27
C SER C 22 -18.76 -5.81 6.31
N ASP C 23 -18.77 -5.07 7.42
CA ASP C 23 -17.79 -5.31 8.49
C ASP C 23 -17.93 -6.69 9.10
N TRP C 24 -19.11 -7.31 8.98
CA TRP C 24 -19.33 -8.63 9.56
C TRP C 24 -18.40 -9.67 8.94
N GLN C 25 -18.01 -9.47 7.68
CA GLN C 25 -17.06 -10.40 7.07
C GLN C 25 -15.75 -10.46 7.84
N THR C 26 -15.43 -9.40 8.59
CA THR C 26 -14.28 -9.40 9.49
C THR C 26 -14.66 -9.84 10.91
N LEU C 27 -15.70 -9.23 11.49
CA LEU C 27 -16.00 -9.49 12.89
CA LEU C 27 -16.02 -9.48 12.89
C LEU C 27 -16.66 -10.83 13.14
N ILE C 28 -17.10 -11.54 12.09
CA ILE C 28 -17.59 -12.90 12.30
C ILE C 28 -16.50 -13.77 12.91
N HIS C 29 -15.22 -13.46 12.64
CA HIS C 29 -14.15 -14.27 13.20
C HIS C 29 -13.99 -14.03 14.70
N ALA C 30 -14.33 -12.83 15.19
CA ALA C 30 -14.41 -12.62 16.63
C ALA C 30 -15.51 -13.47 17.25
N ALA C 31 -16.68 -13.49 16.60
CA ALA C 31 -17.81 -14.28 17.06
C ALA C 31 -17.47 -15.76 17.09
N HIS C 32 -16.81 -16.27 16.04
CA HIS C 32 -16.43 -17.69 16.02
C HIS C 32 -15.50 -18.02 17.17
N THR C 33 -14.58 -17.11 17.49
CA THR C 33 -13.66 -17.35 18.60
C THR C 33 -14.39 -17.33 19.94
N LEU C 34 -15.33 -16.39 20.13
CA LEU C 34 -16.10 -16.36 21.36
C LEU C 34 -16.95 -17.62 21.51
N ASP C 35 -17.52 -18.12 20.41
CA ASP C 35 -18.24 -19.39 20.47
C ASP C 35 -17.32 -20.51 20.91
N ALA C 36 -16.11 -20.58 20.34
CA ALA C 36 -15.16 -21.61 20.70
C ALA C 36 -14.83 -21.58 22.19
N LEU C 37 -14.82 -20.39 22.79
CA LEU C 37 -14.54 -20.21 24.22
C LEU C 37 -15.79 -20.27 25.09
N ASN C 38 -16.96 -20.49 24.49
CA ASN C 38 -18.24 -20.56 25.19
CA ASN C 38 -18.24 -20.56 25.19
C ASN C 38 -18.51 -19.27 25.98
N ILE C 39 -18.20 -18.12 25.39
CA ILE C 39 -18.47 -16.82 26.01
C ILE C 39 -19.69 -16.21 25.33
N GLY C 40 -20.66 -15.75 26.14
CA GLY C 40 -21.88 -15.18 25.59
C GLY C 40 -21.64 -13.78 25.03
N TYR C 41 -22.26 -13.51 23.88
CA TYR C 41 -22.12 -12.21 23.24
C TYR C 41 -23.37 -11.94 22.42
N GLU C 42 -23.54 -10.66 22.06
CA GLU C 42 -24.54 -10.24 21.10
C GLU C 42 -23.84 -9.50 19.98
N ALA C 43 -24.32 -9.67 18.75
CA ALA C 43 -23.74 -9.01 17.59
C ALA C 43 -24.76 -8.04 17.02
N GLU C 44 -24.34 -6.81 16.76
CA GLU C 44 -25.30 -5.79 16.36
C GLU C 44 -24.64 -4.75 15.47
N ILE C 45 -25.37 -4.26 14.49
CA ILE C 45 -24.90 -3.17 13.65
C ILE C 45 -25.26 -1.84 14.31
N VAL C 46 -24.23 -1.04 14.58
CA VAL C 46 -24.36 0.28 15.19
C VAL C 46 -23.45 1.21 14.38
N SER C 47 -24.04 2.13 13.62
CA SER C 47 -23.25 3.01 12.74
C SER C 47 -23.05 4.37 13.39
N ALA C 48 -21.78 4.74 13.60
CA ALA C 48 -21.47 6.06 14.13
C ALA C 48 -21.98 7.15 13.21
N HIS C 49 -21.92 6.91 11.91
CA HIS C 49 -22.26 7.94 10.94
C HIS C 49 -23.71 7.91 10.50
N ARG C 50 -24.30 6.73 10.35
CA ARG C 50 -25.69 6.64 9.90
C ARG C 50 -26.69 6.48 11.04
N THR C 51 -26.29 5.97 12.21
CA THR C 51 -27.19 5.85 13.38
C THR C 51 -26.53 6.45 14.61
N PRO C 52 -26.21 7.74 14.60
CA PRO C 52 -25.49 8.33 15.75
C PRO C 52 -26.27 8.27 17.05
N ASP C 53 -27.60 8.45 17.00
CA ASP C 53 -28.39 8.38 18.22
C ASP C 53 -28.45 6.97 18.77
N LYS C 54 -28.50 5.96 17.90
CA LYS C 54 -28.42 4.58 18.36
C LYS C 54 -27.10 4.30 19.05
N LEU C 55 -25.99 4.85 18.53
CA LEU C 55 -24.70 4.68 19.20
C LEU C 55 -24.79 5.15 20.64
N PHE C 56 -25.36 6.33 20.85
CA PHE C 56 -25.47 6.84 22.22
C PHE C 56 -26.34 5.93 23.07
N ARG C 57 -27.49 5.47 22.57
CA ARG C 57 -28.35 4.58 23.35
C ARG C 57 -27.62 3.31 23.71
N TYR C 58 -26.94 2.71 22.72
CA TYR C 58 -26.26 1.45 22.96
C TYR C 58 -25.18 1.60 24.02
N ALA C 59 -24.34 2.64 23.89
CA ALA C 59 -23.27 2.86 24.87
C ALA C 59 -23.85 3.17 26.25
N GLU C 60 -24.88 4.02 26.32
CA GLU C 60 -25.46 4.42 27.60
C GLU C 60 -26.02 3.23 28.36
N GLN C 61 -26.55 2.24 27.67
CA GLN C 61 -27.23 1.14 28.35
C GLN C 61 -26.41 -0.13 28.48
N ALA C 62 -25.20 -0.18 27.92
CA ALA C 62 -24.44 -1.43 27.89
C ALA C 62 -24.15 -1.96 29.29
N GLU C 63 -23.68 -1.08 30.18
CA GLU C 63 -23.32 -1.50 31.53
C GLU C 63 -24.53 -2.03 32.27
N ALA C 64 -25.66 -1.34 32.15
CA ALA C 64 -26.87 -1.73 32.87
C ALA C 64 -27.42 -3.07 32.41
N ARG C 65 -27.18 -3.42 31.14
CA ARG C 65 -27.64 -4.70 30.61
C ARG C 65 -26.69 -5.85 30.94
N GLY C 66 -25.56 -5.57 31.59
CA GLY C 66 -24.65 -6.61 32.00
C GLY C 66 -23.46 -6.83 31.11
N LEU C 67 -23.35 -6.09 30.00
CA LEU C 67 -22.14 -6.19 29.18
C LEU C 67 -20.95 -5.72 29.99
N GLU C 68 -19.82 -6.41 29.81
CA GLU C 68 -18.57 -6.05 30.46
C GLU C 68 -17.45 -5.64 29.51
N VAL C 69 -17.52 -6.04 28.24
CA VAL C 69 -16.53 -5.64 27.22
C VAL C 69 -17.27 -5.35 25.93
N ILE C 70 -16.85 -4.33 25.21
CA ILE C 70 -17.39 -4.02 23.89
CA ILE C 70 -17.38 -4.00 23.89
C ILE C 70 -16.27 -4.20 22.88
N ILE C 71 -16.55 -4.96 21.82
CA ILE C 71 -15.67 -5.06 20.66
C ILE C 71 -16.34 -4.33 19.53
N ALA C 72 -15.69 -3.29 19.00
CA ALA C 72 -16.26 -2.45 17.95
C ALA C 72 -15.32 -2.47 16.75
N GLY C 73 -15.85 -2.84 15.60
CA GLY C 73 -15.09 -2.87 14.35
C GLY C 73 -15.62 -1.84 13.37
N ALA C 74 -14.69 -1.13 12.73
CA ALA C 74 -15.09 -0.16 11.72
C ALA C 74 -13.90 0.11 10.81
N GLY C 75 -14.20 0.54 9.59
CA GLY C 75 -13.17 0.84 8.62
C GLY C 75 -13.17 2.26 8.08
N GLY C 76 -12.07 2.66 7.44
CA GLY C 76 -12.00 4.03 6.94
C GLY C 76 -11.77 5.01 8.07
N ALA C 77 -12.43 6.17 7.98
CA ALA C 77 -12.48 7.12 9.09
C ALA C 77 -13.39 6.49 10.14
N ALA C 78 -12.77 5.64 10.97
CA ALA C 78 -13.49 4.74 11.86
C ALA C 78 -13.74 5.45 13.19
N HIS C 79 -14.98 5.87 13.42
CA HIS C 79 -15.31 6.62 14.62
C HIS C 79 -16.10 5.81 15.63
N LEU C 80 -16.62 4.64 15.26
CA LEU C 80 -17.46 3.87 16.17
C LEU C 80 -16.77 3.50 17.48
N PRO C 81 -15.55 2.91 17.48
CA PRO C 81 -14.96 2.53 18.79
C PRO C 81 -14.72 3.71 19.70
N GLY C 82 -14.21 4.82 19.17
CA GLY C 82 -13.91 5.96 20.01
C GLY C 82 -15.14 6.64 20.58
N MET C 83 -16.21 6.73 19.78
CA MET C 83 -17.42 7.38 20.30
C MET C 83 -18.13 6.51 21.33
N VAL C 84 -18.08 5.19 21.18
CA VAL C 84 -18.62 4.32 22.22
C VAL C 84 -17.83 4.49 23.51
N ALA C 85 -16.49 4.53 23.41
CA ALA C 85 -15.65 4.72 24.59
C ALA C 85 -15.91 6.07 25.27
N ALA C 86 -16.32 7.07 24.49
CA ALA C 86 -16.68 8.38 25.04
C ALA C 86 -17.97 8.35 25.84
N LYS C 87 -18.80 7.33 25.65
CA LYS C 87 -20.15 7.31 26.18
C LYS C 87 -20.41 6.15 27.13
N THR C 88 -19.44 5.25 27.33
CA THR C 88 -19.51 4.25 28.38
C THR C 88 -18.13 4.04 28.99
N SER C 89 -18.10 3.74 30.28
CA SER C 89 -16.83 3.48 30.94
C SER C 89 -16.39 2.02 30.84
N LEU C 90 -17.19 1.16 30.21
CA LEU C 90 -16.76 -0.20 29.93
C LEU C 90 -15.52 -0.19 29.01
N PRO C 91 -14.63 -1.16 29.15
CA PRO C 91 -13.49 -1.23 28.21
C PRO C 91 -13.97 -1.52 26.80
N VAL C 92 -13.47 -0.74 25.83
CA VAL C 92 -13.87 -0.84 24.43
C VAL C 92 -12.66 -1.28 23.63
N LEU C 93 -12.79 -2.38 22.91
CA LEU C 93 -11.76 -2.89 22.02
C LEU C 93 -12.09 -2.51 20.59
N GLY C 94 -11.07 -2.09 19.84
CA GLY C 94 -11.26 -1.61 18.48
C GLY C 94 -10.60 -2.54 17.48
N VAL C 95 -11.38 -2.93 16.47
CA VAL C 95 -10.89 -3.78 15.38
C VAL C 95 -10.85 -2.92 14.11
N PRO C 96 -9.66 -2.57 13.60
CA PRO C 96 -9.58 -1.82 12.34
C PRO C 96 -9.89 -2.75 11.18
N VAL C 97 -10.98 -2.45 10.47
CA VAL C 97 -11.37 -3.24 9.31
C VAL C 97 -10.53 -2.82 8.12
N MET C 98 -10.10 -3.79 7.34
CA MET C 98 -9.38 -3.49 6.11
C MET C 98 -10.23 -2.58 5.22
N SER C 99 -9.63 -1.48 4.77
CA SER C 99 -10.29 -0.60 3.82
C SER C 99 -9.78 -0.88 2.41
N GLN C 100 -10.64 -0.65 1.42
CA GLN C 100 -10.26 -0.95 0.05
C GLN C 100 -9.12 -0.05 -0.43
N THR C 101 -9.15 1.23 -0.07
CA THR C 101 -8.17 2.14 -0.66
C THR C 101 -6.85 2.16 0.11
N LEU C 102 -6.87 2.15 1.44
CA LEU C 102 -5.65 2.32 2.23
C LEU C 102 -5.31 1.10 3.10
N ASN C 103 -5.90 -0.06 2.79
CA ASN C 103 -5.58 -1.33 3.45
CA ASN C 103 -5.56 -1.34 3.45
C ASN C 103 -5.71 -1.26 4.97
N GLY C 104 -6.66 -0.48 5.45
CA GLY C 104 -6.88 -0.38 6.89
C GLY C 104 -5.93 0.55 7.64
N VAL C 105 -5.06 1.27 6.94
CA VAL C 105 -4.19 2.20 7.65
C VAL C 105 -5.00 3.38 8.17
N ASP C 106 -5.97 3.85 7.38
CA ASP C 106 -6.90 4.85 7.89
C ASP C 106 -7.70 4.28 9.07
N SER C 107 -8.21 3.05 8.92
CA SER C 107 -8.93 2.43 10.02
C SER C 107 -8.07 2.38 11.28
N LEU C 108 -6.81 1.95 11.14
CA LEU C 108 -5.94 1.79 12.30
C LEU C 108 -5.67 3.12 12.99
N LEU C 109 -5.26 4.14 12.24
CA LEU C 109 -4.93 5.41 12.87
C LEU C 109 -6.16 6.08 13.48
N SER C 110 -7.33 5.94 12.85
CA SER C 110 -8.56 6.55 13.37
CA SER C 110 -8.51 6.59 13.41
C SER C 110 -9.04 5.89 14.66
N ILE C 111 -8.58 4.68 14.95
CA ILE C 111 -8.96 3.96 16.16
C ILE C 111 -7.90 4.09 17.25
N VAL C 112 -6.63 3.87 16.90
CA VAL C 112 -5.61 3.73 17.94
C VAL C 112 -5.17 5.08 18.50
N GLN C 113 -5.17 6.14 17.69
CA GLN C 113 -4.57 7.42 18.10
C GLN C 113 -5.52 8.30 18.92
N MET C 114 -6.32 7.70 19.80
CA MET C 114 -7.16 8.49 20.68
C MET C 114 -6.30 9.43 21.52
N PRO C 115 -6.67 10.70 21.64
CA PRO C 115 -6.00 11.59 22.60
C PRO C 115 -6.21 11.09 24.01
N ALA C 116 -5.35 11.57 24.92
CA ALA C 116 -5.46 11.19 26.32
C ALA C 116 -6.83 11.52 26.90
N GLY C 117 -7.39 10.58 27.66
CA GLY C 117 -8.64 10.82 28.37
C GLY C 117 -9.70 9.76 28.11
N ILE C 118 -9.74 9.26 26.88
CA ILE C 118 -10.70 8.26 26.43
C ILE C 118 -9.94 7.19 25.64
N PRO C 119 -9.76 6.00 26.20
CA PRO C 119 -8.97 4.97 25.52
C PRO C 119 -9.79 4.01 24.67
N VAL C 120 -9.13 3.48 23.64
CA VAL C 120 -9.62 2.29 22.92
C VAL C 120 -8.45 1.32 22.78
N GLY C 121 -8.63 0.10 23.30
CA GLY C 121 -7.61 -0.93 23.16
C GLY C 121 -7.68 -1.54 21.77
N THR C 122 -6.67 -1.31 20.95
CA THR C 122 -6.73 -1.60 19.53
C THR C 122 -5.98 -2.89 19.20
N LEU C 123 -6.56 -3.70 18.30
CA LEU C 123 -5.97 -4.94 17.82
C LEU C 123 -5.53 -4.78 16.36
N SER C 124 -4.94 -5.84 15.80
CA SER C 124 -4.39 -5.82 14.45
CA SER C 124 -4.38 -5.80 14.45
C SER C 124 -5.45 -5.45 13.42
N ILE C 125 -4.99 -4.89 12.29
CA ILE C 125 -5.90 -4.69 11.16
C ILE C 125 -6.46 -6.03 10.72
N GLY C 126 -7.76 -6.07 10.43
CA GLY C 126 -8.35 -7.22 9.74
C GLY C 126 -8.72 -8.40 10.62
N LYS C 127 -8.79 -9.57 9.96
CA LYS C 127 -9.24 -10.80 10.60
C LYS C 127 -8.41 -11.16 11.83
N ALA C 128 -7.09 -10.98 11.74
CA ALA C 128 -6.23 -11.24 12.90
C ALA C 128 -6.67 -10.41 14.10
N GLY C 129 -7.03 -9.14 13.87
CA GLY C 129 -7.47 -8.31 14.97
C GLY C 129 -8.83 -8.69 15.52
N ALA C 130 -9.73 -9.19 14.64
CA ALA C 130 -11.03 -9.66 15.13
C ALA C 130 -10.86 -10.87 16.04
N ILE C 131 -10.04 -11.84 15.61
CA ILE C 131 -9.79 -13.01 16.45
C ILE C 131 -9.16 -12.57 17.77
N ASN C 132 -8.17 -11.67 17.70
CA ASN C 132 -7.45 -11.26 18.90
C ASN C 132 -8.31 -10.39 19.80
N SER C 133 -9.28 -9.65 19.25
CA SER C 133 -10.20 -8.91 20.11
C SER C 133 -11.03 -9.85 20.97
N ALA C 134 -11.47 -10.98 20.40
CA ALA C 134 -12.19 -11.96 21.21
C ALA C 134 -11.28 -12.58 22.26
N LEU C 135 -10.04 -12.91 21.89
CA LEU C 135 -9.10 -13.48 22.86
C LEU C 135 -8.76 -12.47 23.95
N PHE C 136 -8.68 -11.18 23.60
CA PHE C 136 -8.37 -10.16 24.59
C PHE C 136 -9.56 -9.90 25.52
N ALA C 137 -10.78 -9.85 24.96
CA ALA C 137 -11.96 -9.77 25.82
C ALA C 137 -11.98 -10.94 26.78
N ALA C 138 -11.60 -12.13 26.31
CA ALA C 138 -11.57 -13.29 27.18
C ALA C 138 -10.56 -13.10 28.32
N ALA C 139 -9.39 -12.53 28.00
CA ALA C 139 -8.38 -12.27 29.03
C ALA C 139 -8.92 -11.30 30.09
N ILE C 140 -9.68 -10.28 29.65
CA ILE C 140 -10.30 -9.33 30.58
C ILE C 140 -11.28 -10.06 31.48
N LEU C 141 -12.18 -10.84 30.88
CA LEU C 141 -13.21 -11.54 31.64
C LEU C 141 -12.62 -12.62 32.53
N ALA C 142 -11.49 -13.21 32.12
CA ALA C 142 -10.86 -14.27 32.90
C ALA C 142 -10.41 -13.81 34.27
N ASN C 143 -10.14 -12.51 34.46
CA ASN C 143 -9.82 -12.03 35.80
C ASN C 143 -10.98 -12.20 36.76
N LYS C 144 -12.19 -12.24 36.24
CA LYS C 144 -13.40 -12.30 37.06
C LYS C 144 -14.02 -13.68 37.12
N TYR C 145 -13.97 -14.42 36.01
CA TYR C 145 -14.75 -15.64 35.83
C TYR C 145 -13.82 -16.83 35.68
N PRO C 146 -13.72 -17.71 36.68
CA PRO C 146 -12.75 -18.82 36.60
C PRO C 146 -13.01 -19.78 35.46
N ASP C 147 -14.28 -19.95 35.04
CA ASP C 147 -14.54 -20.84 33.90
C ASP C 147 -14.00 -20.24 32.61
N ILE C 148 -14.05 -18.91 32.46
CA ILE C 148 -13.48 -18.29 31.26
C ILE C 148 -11.97 -18.37 31.29
N ARG C 149 -11.36 -18.18 32.46
CA ARG C 149 -9.92 -18.34 32.60
C ARG C 149 -9.49 -19.75 32.20
N ALA C 150 -10.20 -20.76 32.69
CA ALA C 150 -9.90 -22.14 32.32
C ALA C 150 -10.02 -22.34 30.80
N ALA C 151 -11.07 -21.76 30.20
CA ALA C 151 -11.27 -21.90 28.75
C ALA C 151 -10.15 -21.24 27.98
N LEU C 152 -9.76 -20.03 28.38
CA LEU C 152 -8.67 -19.32 27.70
C LEU C 152 -7.35 -20.06 27.83
N LYS C 153 -7.03 -20.54 29.03
CA LYS C 153 -5.75 -21.25 29.20
C LYS C 153 -5.74 -22.54 28.38
N HIS C 154 -6.87 -23.24 28.29
CA HIS C 154 -6.93 -24.43 27.45
C HIS C 154 -6.72 -24.09 25.99
N TYR C 155 -7.35 -23.01 25.52
CA TYR C 155 -7.15 -22.54 24.16
C TYR C 155 -5.68 -22.27 23.88
N ARG C 156 -5.01 -21.56 24.79
CA ARG C 156 -3.60 -21.21 24.58
C ARG C 156 -2.72 -22.46 24.65
N GLU C 157 -2.99 -23.35 25.62
CA GLU C 157 -2.25 -24.60 25.71
C GLU C 157 -2.38 -25.43 24.44
N GLN C 158 -3.60 -25.54 23.90
CA GLN C 158 -3.80 -26.37 22.71
C GLN C 158 -3.12 -25.74 21.49
N GLN C 159 -3.20 -24.43 21.35
CA GLN C 159 -2.57 -23.79 20.20
C GLN C 159 -1.05 -23.92 20.28
N THR C 160 -0.50 -23.87 21.48
CA THR C 160 0.93 -24.13 21.67
C THR C 160 1.30 -25.58 21.31
N GLN C 161 0.53 -26.56 21.81
CA GLN C 161 0.87 -27.95 21.54
C GLN C 161 0.77 -28.30 20.07
N LYS C 162 -0.16 -27.66 19.35
CA LYS C 162 -0.31 -27.96 17.93
C LYS C 162 0.94 -27.57 17.15
N VAL C 163 1.53 -26.43 17.49
CA VAL C 163 2.76 -26.03 16.81
C VAL C 163 3.92 -26.94 17.21
N LEU C 164 4.00 -27.28 18.51
CA LEU C 164 5.08 -28.15 18.97
C LEU C 164 5.04 -29.51 18.28
N ASP C 165 3.84 -30.01 18.01
CA ASP C 165 3.70 -31.34 17.42
C ASP C 165 3.75 -31.33 15.90
N ASN C 166 3.95 -30.17 15.28
CA ASN C 166 4.09 -30.05 13.83
C ASN C 166 5.29 -29.18 13.51
N PRO C 167 6.50 -29.64 13.87
CA PRO C 167 7.68 -28.78 13.75
C PRO C 167 8.28 -28.71 12.36
N ASN C 168 7.94 -29.63 11.45
CA ASN C 168 8.59 -29.70 10.15
CA ASN C 168 8.60 -29.69 10.15
C ASN C 168 7.76 -28.98 9.12
N PRO C 169 8.28 -27.95 8.43
CA PRO C 169 7.47 -27.28 7.40
C PRO C 169 7.28 -28.13 6.15
N LYS C 170 8.17 -29.08 5.90
CA LYS C 170 8.13 -29.86 4.66
C LYS C 170 7.13 -31.02 4.74
N MET D 9 -34.67 21.24 -18.64
CA MET D 9 -35.59 21.50 -17.54
C MET D 9 -34.85 22.04 -16.32
N LYS D 10 -34.25 21.15 -15.54
CA LYS D 10 -33.51 21.56 -14.35
C LYS D 10 -32.38 22.50 -14.71
N PRO D 11 -32.26 23.66 -14.05
CA PRO D 11 -31.05 24.48 -14.21
C PRO D 11 -29.83 23.75 -13.68
N ILE D 12 -28.71 23.92 -14.37
CA ILE D 12 -27.48 23.20 -14.03
C ILE D 12 -26.77 23.97 -12.92
N LEU D 13 -26.69 23.36 -11.73
CA LEU D 13 -26.05 23.99 -10.59
C LEU D 13 -24.68 23.41 -10.25
N ILE D 14 -24.35 22.23 -10.74
CA ILE D 14 -23.09 21.57 -10.43
C ILE D 14 -22.36 21.25 -11.72
N GLY D 15 -21.09 21.60 -11.79
CA GLY D 15 -20.20 21.13 -12.83
C GLY D 15 -19.40 19.96 -12.29
N LEU D 16 -19.54 18.81 -12.93
CA LEU D 16 -18.90 17.57 -12.51
C LEU D 16 -17.81 17.25 -13.53
N ILE D 17 -16.56 17.48 -13.18
CA ILE D 17 -15.50 17.40 -14.17
C ILE D 17 -14.41 16.42 -13.72
N MET D 18 -13.64 15.95 -14.70
CA MET D 18 -12.64 14.93 -14.44
C MET D 18 -11.54 15.00 -15.50
N GLY D 19 -10.35 14.54 -15.12
CA GLY D 19 -9.21 14.67 -16.00
C GLY D 19 -9.23 13.74 -17.20
N SER D 20 -9.92 12.61 -17.12
CA SER D 20 -9.84 11.62 -18.17
C SER D 20 -11.07 10.73 -18.16
N GLN D 21 -11.29 10.03 -19.27
CA GLN D 21 -12.43 9.13 -19.37
C GLN D 21 -12.39 8.07 -18.28
N SER D 22 -11.19 7.54 -17.98
CA SER D 22 -11.11 6.49 -16.98
C SER D 22 -11.53 6.98 -15.59
N ASP D 23 -11.40 8.28 -15.30
CA ASP D 23 -11.90 8.81 -14.03
C ASP D 23 -13.40 8.70 -13.90
N TRP D 24 -14.12 8.61 -15.02
CA TRP D 24 -15.57 8.49 -14.97
C TRP D 24 -16.01 7.21 -14.26
N GLN D 25 -15.18 6.17 -14.27
CA GLN D 25 -15.53 4.97 -13.53
C GLN D 25 -15.68 5.26 -12.04
N THR D 26 -15.04 6.31 -11.56
CA THR D 26 -15.24 6.77 -10.19
C THR D 26 -16.32 7.84 -10.09
N LEU D 27 -16.24 8.88 -10.92
CA LEU D 27 -17.16 10.01 -10.76
CA LEU D 27 -17.16 10.00 -10.74
C LEU D 27 -18.58 9.70 -11.23
N ILE D 28 -18.79 8.59 -11.95
CA ILE D 28 -20.16 8.21 -12.30
C ILE D 28 -21.00 8.03 -11.03
N HIS D 29 -20.36 7.65 -9.93
CA HIS D 29 -21.11 7.48 -8.68
C HIS D 29 -21.54 8.81 -8.10
N ALA D 30 -20.79 9.89 -8.36
CA ALA D 30 -21.28 11.22 -8.02
C ALA D 30 -22.51 11.57 -8.85
N ALA D 31 -22.43 11.32 -10.16
CA ALA D 31 -23.56 11.58 -11.04
C ALA D 31 -24.81 10.82 -10.58
N HIS D 32 -24.63 9.53 -10.25
CA HIS D 32 -25.77 8.72 -9.81
C HIS D 32 -26.42 9.30 -8.56
N THR D 33 -25.60 9.82 -7.64
CA THR D 33 -26.14 10.41 -6.41
C THR D 33 -26.87 11.72 -6.71
N LEU D 34 -26.32 12.56 -7.58
CA LEU D 34 -27.01 13.78 -7.96
C LEU D 34 -28.32 13.48 -8.67
N ASP D 35 -28.36 12.41 -9.49
CA ASP D 35 -29.63 12.00 -10.10
C ASP D 35 -30.65 11.63 -9.03
N ALA D 36 -30.24 10.88 -8.02
CA ALA D 36 -31.15 10.49 -6.95
C ALA D 36 -31.70 11.71 -6.20
N LEU D 37 -30.90 12.77 -6.07
CA LEU D 37 -31.32 13.98 -5.39
C LEU D 37 -32.02 14.99 -6.32
N ASN D 38 -32.13 14.66 -7.61
CA ASN D 38 -32.81 15.53 -8.59
CA ASN D 38 -32.79 15.53 -8.59
C ASN D 38 -32.12 16.89 -8.69
N ILE D 39 -30.78 16.89 -8.65
CA ILE D 39 -29.99 18.13 -8.77
C ILE D 39 -29.43 18.19 -10.18
N GLY D 40 -29.57 19.35 -10.82
CA GLY D 40 -29.08 19.50 -12.19
C GLY D 40 -27.55 19.60 -12.21
N TYR D 41 -26.92 18.78 -13.04
CA TYR D 41 -25.47 18.81 -13.18
C TYR D 41 -25.12 18.54 -14.64
N GLU D 42 -23.87 18.83 -14.98
CA GLU D 42 -23.31 18.58 -16.30
C GLU D 42 -21.94 17.94 -16.11
N ALA D 43 -21.72 16.79 -16.74
CA ALA D 43 -20.45 16.08 -16.63
C ALA D 43 -19.57 16.35 -17.84
N GLU D 44 -18.29 16.58 -17.60
CA GLU D 44 -17.39 16.97 -18.68
C GLU D 44 -15.97 16.54 -18.37
N ILE D 45 -15.23 16.17 -19.42
CA ILE D 45 -13.81 15.87 -19.28
C ILE D 45 -13.02 17.15 -19.48
N VAL D 46 -12.26 17.55 -18.46
CA VAL D 46 -11.42 18.74 -18.46
C VAL D 46 -10.08 18.32 -17.88
N SER D 47 -9.03 18.32 -18.69
CA SER D 47 -7.74 17.80 -18.27
C SER D 47 -6.79 18.95 -17.94
N ALA D 48 -6.32 18.99 -16.69
CA ALA D 48 -5.36 20.03 -16.32
C ALA D 48 -4.08 19.90 -17.13
N HIS D 49 -3.68 18.67 -17.48
CA HIS D 49 -2.41 18.49 -18.14
C HIS D 49 -2.53 18.47 -19.66
N ARG D 50 -3.63 17.94 -20.20
CA ARG D 50 -3.77 17.87 -21.64
C ARG D 50 -4.64 18.98 -22.22
N THR D 51 -5.55 19.57 -21.45
CA THR D 51 -6.35 20.71 -21.91
C THR D 51 -6.24 21.88 -20.93
N PRO D 52 -5.04 22.38 -20.67
CA PRO D 52 -4.89 23.47 -19.70
C PRO D 52 -5.67 24.73 -20.08
N ASP D 53 -5.69 25.08 -21.36
CA ASP D 53 -6.44 26.26 -21.76
C ASP D 53 -7.94 26.10 -21.51
N LYS D 54 -8.48 24.91 -21.80
CA LYS D 54 -9.91 24.68 -21.56
C LYS D 54 -10.25 24.72 -20.08
N LEU D 55 -9.33 24.26 -19.22
CA LEU D 55 -9.55 24.36 -17.77
C LEU D 55 -9.77 25.82 -17.37
N PHE D 56 -8.90 26.72 -17.85
CA PHE D 56 -9.06 28.13 -17.52
C PHE D 56 -10.38 28.68 -18.06
N ARG D 57 -10.73 28.34 -19.31
CA ARG D 57 -11.98 28.83 -19.86
C ARG D 57 -13.16 28.30 -19.09
N TYR D 58 -13.13 27.00 -18.73
CA TYR D 58 -14.23 26.41 -17.97
C TYR D 58 -14.40 27.12 -16.64
N ALA D 59 -13.29 27.33 -15.94
CA ALA D 59 -13.36 27.99 -14.64
C ALA D 59 -13.83 29.44 -14.79
N GLU D 60 -13.35 30.14 -15.81
CA GLU D 60 -13.73 31.54 -15.99
C GLU D 60 -15.24 31.68 -16.22
N GLN D 61 -15.85 30.74 -16.94
CA GLN D 61 -17.27 30.83 -17.29
C GLN D 61 -18.22 30.32 -16.22
N ALA D 62 -17.71 29.55 -15.25
CA ALA D 62 -18.58 28.77 -14.37
C ALA D 62 -19.63 29.64 -13.66
N GLU D 63 -19.18 30.72 -13.02
CA GLU D 63 -20.08 31.56 -12.23
C GLU D 63 -21.19 32.17 -13.09
N ALA D 64 -20.81 32.73 -14.25
CA ALA D 64 -21.79 33.38 -15.11
C ALA D 64 -22.79 32.38 -15.69
N ARG D 65 -22.38 31.12 -15.89
CA ARG D 65 -23.27 30.09 -16.39
C ARG D 65 -24.30 29.66 -15.36
N GLY D 66 -24.16 30.09 -14.11
CA GLY D 66 -25.07 29.67 -13.06
C GLY D 66 -24.62 28.48 -12.23
N LEU D 67 -23.44 27.92 -12.49
CA LEU D 67 -22.92 26.88 -11.61
C LEU D 67 -22.60 27.46 -10.24
N GLU D 68 -22.86 26.67 -9.19
CA GLU D 68 -22.56 27.11 -7.83
C GLU D 68 -21.57 26.20 -7.10
N VAL D 69 -21.35 24.98 -7.59
CA VAL D 69 -20.36 24.08 -7.01
C VAL D 69 -19.71 23.33 -8.17
N ILE D 70 -18.40 23.12 -8.08
CA ILE D 70 -17.65 22.29 -9.01
CA ILE D 70 -17.66 22.29 -9.02
C ILE D 70 -17.13 21.09 -8.25
N ILE D 71 -17.42 19.89 -8.76
CA ILE D 71 -16.81 18.65 -8.27
C ILE D 71 -15.79 18.23 -9.30
N ALA D 72 -14.52 18.12 -8.89
CA ALA D 72 -13.42 17.79 -9.81
C ALA D 72 -12.71 16.55 -9.31
N GLY D 73 -12.61 15.53 -10.16
CA GLY D 73 -11.93 14.29 -9.81
C GLY D 73 -10.69 14.09 -10.67
N ALA D 74 -9.60 13.66 -10.04
CA ALA D 74 -8.38 13.35 -10.76
C ALA D 74 -7.51 12.44 -9.92
N GLY D 75 -6.57 11.77 -10.59
CA GLY D 75 -5.70 10.82 -9.93
C GLY D 75 -4.24 11.13 -10.18
N GLY D 76 -3.38 10.53 -9.36
CA GLY D 76 -1.95 10.75 -9.51
C GLY D 76 -1.56 12.12 -9.00
N ALA D 77 -0.66 12.79 -9.73
CA ALA D 77 -0.35 14.19 -9.47
C ALA D 77 -1.56 14.99 -9.95
N ALA D 78 -2.55 15.09 -9.07
CA ALA D 78 -3.89 15.57 -9.41
C ALA D 78 -3.91 17.08 -9.26
N HIS D 79 -3.87 17.80 -10.39
CA HIS D 79 -3.85 19.25 -10.38
C HIS D 79 -5.16 19.90 -10.79
N LEU D 80 -6.11 19.13 -11.33
CA LEU D 80 -7.36 19.72 -11.81
C LEU D 80 -8.16 20.45 -10.74
N PRO D 81 -8.45 19.87 -9.56
CA PRO D 81 -9.22 20.63 -8.56
C PRO D 81 -8.55 21.94 -8.16
N GLY D 82 -7.24 21.90 -7.89
CA GLY D 82 -6.57 23.09 -7.39
C GLY D 82 -6.50 24.21 -8.43
N MET D 83 -6.25 23.85 -9.69
CA MET D 83 -6.18 24.89 -10.71
C MET D 83 -7.54 25.48 -11.03
N VAL D 84 -8.62 24.69 -10.96
CA VAL D 84 -9.96 25.26 -11.09
C VAL D 84 -10.25 26.22 -9.94
N ALA D 85 -9.90 25.83 -8.71
CA ALA D 85 -10.12 26.71 -7.57
C ALA D 85 -9.29 27.99 -7.68
N ALA D 86 -8.16 27.93 -8.39
CA ALA D 86 -7.33 29.12 -8.61
C ALA D 86 -7.97 30.10 -9.59
N LYS D 87 -8.92 29.65 -10.42
CA LYS D 87 -9.44 30.43 -11.52
C LYS D 87 -10.93 30.75 -11.40
N THR D 88 -11.62 30.22 -10.37
CA THR D 88 -12.98 30.63 -10.07
C THR D 88 -13.14 30.70 -8.56
N SER D 89 -13.97 31.64 -8.10
CA SER D 89 -14.22 31.74 -6.66
C SER D 89 -15.34 30.82 -6.20
N LEU D 90 -15.96 30.07 -7.11
CA LEU D 90 -16.94 29.08 -6.67
C LEU D 90 -16.25 28.04 -5.78
N PRO D 91 -16.99 27.42 -4.87
CA PRO D 91 -16.41 26.31 -4.09
C PRO D 91 -16.13 25.11 -4.98
N VAL D 92 -14.90 24.57 -4.88
CA VAL D 92 -14.48 23.42 -5.66
C VAL D 92 -14.25 22.25 -4.70
N LEU D 93 -14.91 21.12 -4.99
CA LEU D 93 -14.73 19.88 -4.25
C LEU D 93 -13.80 18.96 -5.03
N GLY D 94 -12.89 18.30 -4.31
CA GLY D 94 -11.90 17.41 -4.93
C GLY D 94 -12.15 15.95 -4.57
N VAL D 95 -12.19 15.10 -5.60
CA VAL D 95 -12.34 13.67 -5.44
C VAL D 95 -11.03 13.01 -5.84
N PRO D 96 -10.24 12.48 -4.90
CA PRO D 96 -9.00 11.78 -5.27
C PRO D 96 -9.33 10.42 -5.89
N VAL D 97 -8.92 10.22 -7.13
CA VAL D 97 -9.19 8.97 -7.81
C VAL D 97 -8.11 7.95 -7.42
N MET D 98 -8.54 6.73 -7.16
CA MET D 98 -7.56 5.71 -6.77
C MET D 98 -6.57 5.48 -7.90
N SER D 99 -5.29 5.55 -7.56
CA SER D 99 -4.22 5.34 -8.53
C SER D 99 -3.74 3.90 -8.47
N GLN D 100 -3.29 3.39 -9.62
CA GLN D 100 -2.86 1.99 -9.69
C GLN D 100 -1.60 1.75 -8.88
N THR D 101 -0.68 2.71 -8.86
CA THR D 101 0.60 2.49 -8.18
C THR D 101 0.54 2.79 -6.69
N LEU D 102 -0.11 3.88 -6.29
CA LEU D 102 -0.08 4.33 -4.89
C LEU D 102 -1.45 4.39 -4.24
N ASN D 103 -2.47 3.75 -4.83
CA ASN D 103 -3.76 3.58 -4.18
C ASN D 103 -4.42 4.91 -3.85
N GLY D 104 -4.16 5.93 -4.65
CA GLY D 104 -4.73 7.24 -4.41
C GLY D 104 -4.07 8.08 -3.33
N VAL D 105 -2.94 7.64 -2.76
CA VAL D 105 -2.24 8.48 -1.79
C VAL D 105 -1.65 9.71 -2.49
N ASP D 106 -1.10 9.52 -3.69
CA ASP D 106 -0.67 10.68 -4.46
C ASP D 106 -1.86 11.58 -4.79
N SER D 107 -2.98 10.98 -5.22
CA SER D 107 -4.18 11.76 -5.54
C SER D 107 -4.60 12.60 -4.36
N LEU D 108 -4.63 11.98 -3.18
CA LEU D 108 -5.12 12.66 -1.98
C LEU D 108 -4.22 13.82 -1.61
N LEU D 109 -2.91 13.59 -1.53
CA LEU D 109 -2.03 14.65 -1.06
C LEU D 109 -1.95 15.78 -2.08
N SER D 110 -2.03 15.47 -3.37
CA SER D 110 -1.95 16.54 -4.36
CA SER D 110 -1.99 16.49 -4.43
C SER D 110 -3.23 17.37 -4.43
N ILE D 111 -4.31 16.92 -3.81
CA ILE D 111 -5.56 17.66 -3.78
C ILE D 111 -5.74 18.37 -2.44
N VAL D 112 -5.53 17.68 -1.33
CA VAL D 112 -5.94 18.25 -0.05
C VAL D 112 -4.92 19.26 0.47
N GLN D 113 -3.63 19.09 0.15
CA GLN D 113 -2.56 19.88 0.78
C GLN D 113 -2.34 21.24 0.13
N MET D 114 -3.43 21.90 -0.25
CA MET D 114 -3.31 23.23 -0.88
C MET D 114 -2.71 24.20 0.12
N PRO D 115 -1.77 25.05 -0.32
CA PRO D 115 -1.29 26.13 0.55
C PRO D 115 -2.42 27.12 0.85
N ALA D 116 -2.25 27.85 1.95
CA ALA D 116 -3.22 28.88 2.32
C ALA D 116 -3.48 29.82 1.16
N GLY D 117 -4.75 30.12 0.92
CA GLY D 117 -5.11 31.14 -0.05
C GLY D 117 -6.09 30.67 -1.10
N ILE D 118 -6.00 29.40 -1.48
CA ILE D 118 -6.87 28.79 -2.47
C ILE D 118 -7.31 27.42 -1.95
N PRO D 119 -8.56 27.26 -1.52
CA PRO D 119 -9.01 26.01 -0.90
C PRO D 119 -9.61 25.02 -1.89
N VAL D 120 -9.45 23.74 -1.58
CA VAL D 120 -10.24 22.68 -2.21
C VAL D 120 -10.82 21.80 -1.11
N GLY D 121 -12.14 21.68 -1.06
CA GLY D 121 -12.77 20.81 -0.07
C GLY D 121 -12.64 19.36 -0.52
N THR D 122 -11.87 18.55 0.21
CA THR D 122 -11.49 17.23 -0.29
C THR D 122 -12.29 16.14 0.39
N LEU D 123 -12.67 15.12 -0.40
CA LEU D 123 -13.42 13.96 0.10
C LEU D 123 -12.54 12.71 0.05
N SER D 124 -13.11 11.58 0.47
CA SER D 124 -12.39 10.32 0.56
CA SER D 124 -12.37 10.33 0.57
C SER D 124 -11.83 9.89 -0.79
N ILE D 125 -10.74 9.10 -0.74
CA ILE D 125 -10.22 8.49 -1.97
C ILE D 125 -11.29 7.60 -2.56
N GLY D 126 -11.48 7.69 -3.88
CA GLY D 126 -12.29 6.71 -4.59
C GLY D 126 -13.79 6.91 -4.63
N LYS D 127 -14.50 5.78 -4.80
CA LYS D 127 -15.95 5.79 -4.94
C LYS D 127 -16.64 6.45 -3.75
N ALA D 128 -16.15 6.19 -2.53
CA ALA D 128 -16.78 6.82 -1.36
C ALA D 128 -16.70 8.34 -1.46
N GLY D 129 -15.58 8.86 -1.94
CA GLY D 129 -15.45 10.30 -2.09
C GLY D 129 -16.29 10.86 -3.22
N ALA D 130 -16.49 10.09 -4.29
CA ALA D 130 -17.37 10.55 -5.36
C ALA D 130 -18.80 10.69 -4.86
N ILE D 131 -19.30 9.67 -4.15
CA ILE D 131 -20.65 9.76 -3.58
C ILE D 131 -20.73 10.92 -2.61
N ASN D 132 -19.75 11.04 -1.72
CA ASN D 132 -19.78 12.10 -0.73
C ASN D 132 -19.58 13.49 -1.33
N SER D 133 -18.92 13.60 -2.49
CA SER D 133 -18.81 14.92 -3.12
C SER D 133 -20.18 15.41 -3.56
N ALA D 134 -21.01 14.50 -4.07
CA ALA D 134 -22.38 14.84 -4.44
C ALA D 134 -23.20 15.22 -3.22
N LEU D 135 -23.08 14.46 -2.14
CA LEU D 135 -23.83 14.79 -0.94
C LEU D 135 -23.35 16.12 -0.35
N PHE D 136 -22.05 16.40 -0.42
CA PHE D 136 -21.56 17.65 0.13
C PHE D 136 -21.96 18.83 -0.74
N ALA D 137 -21.91 18.67 -2.08
CA ALA D 137 -22.46 19.70 -2.95
C ALA D 137 -23.93 19.98 -2.63
N ALA D 138 -24.69 18.93 -2.33
CA ALA D 138 -26.09 19.13 -1.96
C ALA D 138 -26.21 19.94 -0.68
N ALA D 139 -25.36 19.65 0.30
CA ALA D 139 -25.37 20.39 1.56
C ALA D 139 -25.08 21.88 1.33
N ILE D 140 -24.14 22.17 0.41
CA ILE D 140 -23.84 23.56 0.05
C ILE D 140 -25.06 24.23 -0.56
N LEU D 141 -25.70 23.55 -1.51
CA LEU D 141 -26.85 24.12 -2.21
C LEU D 141 -28.07 24.23 -1.29
N ALA D 142 -28.19 23.32 -0.31
CA ALA D 142 -29.35 23.27 0.56
C ALA D 142 -29.54 24.56 1.35
N ASN D 143 -28.45 25.31 1.62
CA ASN D 143 -28.59 26.58 2.33
C ASN D 143 -29.38 27.60 1.51
N LYS D 144 -29.41 27.45 0.20
CA LYS D 144 -30.03 28.41 -0.69
C LYS D 144 -31.29 27.90 -1.36
N TYR D 145 -31.40 26.59 -1.53
CA TYR D 145 -32.50 25.97 -2.29
C TYR D 145 -33.27 25.00 -1.39
N PRO D 146 -34.45 25.38 -0.90
CA PRO D 146 -35.20 24.51 0.02
C PRO D 146 -35.60 23.16 -0.57
N ASP D 147 -35.82 23.09 -1.89
CA ASP D 147 -36.09 21.81 -2.53
C ASP D 147 -34.93 20.84 -2.37
N ILE D 148 -33.70 21.33 -2.55
CA ILE D 148 -32.53 20.48 -2.40
C ILE D 148 -32.32 20.11 -0.95
N ARG D 149 -32.54 21.07 -0.05
CA ARG D 149 -32.47 20.78 1.39
C ARG D 149 -33.40 19.62 1.76
N ALA D 150 -34.64 19.64 1.23
CA ALA D 150 -35.57 18.56 1.54
C ALA D 150 -35.11 17.23 0.95
N ALA D 151 -34.61 17.25 -0.29
CA ALA D 151 -34.09 16.03 -0.90
C ALA D 151 -32.92 15.46 -0.09
N LEU D 152 -32.01 16.32 0.36
CA LEU D 152 -30.86 15.84 1.14
C LEU D 152 -31.28 15.29 2.49
N LYS D 153 -32.17 16.00 3.19
CA LYS D 153 -32.63 15.50 4.48
C LYS D 153 -33.35 14.16 4.32
N HIS D 154 -34.14 14.01 3.25
CA HIS D 154 -34.81 12.74 3.02
C HIS D 154 -33.82 11.63 2.75
N TYR D 155 -32.79 11.91 1.95
CA TYR D 155 -31.73 10.93 1.71
C TYR D 155 -31.11 10.45 3.03
N ARG D 156 -30.77 11.40 3.91
CA ARG D 156 -30.15 11.05 5.18
C ARG D 156 -31.12 10.30 6.08
N GLU D 157 -32.38 10.74 6.12
CA GLU D 157 -33.37 10.06 6.96
C GLU D 157 -33.58 8.62 6.50
N GLN D 158 -33.63 8.40 5.18
CA GLN D 158 -33.81 7.05 4.64
C GLN D 158 -32.62 6.17 4.95
N GLN D 159 -31.40 6.69 4.82
CA GLN D 159 -30.25 5.83 5.05
C GLN D 159 -30.10 5.49 6.53
N THR D 160 -30.49 6.42 7.42
CA THR D 160 -30.55 6.12 8.85
C THR D 160 -31.58 5.05 9.16
N GLN D 161 -32.81 5.21 8.66
CA GLN D 161 -33.86 4.25 8.97
C GLN D 161 -33.50 2.86 8.45
N LYS D 162 -32.84 2.78 7.29
CA LYS D 162 -32.50 1.48 6.75
C LYS D 162 -31.53 0.73 7.66
N VAL D 163 -30.55 1.42 8.26
CA VAL D 163 -29.65 0.74 9.18
C VAL D 163 -30.42 0.35 10.45
N LEU D 164 -31.26 1.25 10.96
CA LEU D 164 -32.03 0.93 12.16
C LEU D 164 -32.91 -0.29 11.94
N ASP D 165 -33.43 -0.45 10.73
CA ASP D 165 -34.31 -1.58 10.40
C ASP D 165 -33.56 -2.89 10.22
N ASN D 166 -32.22 -2.86 10.14
CA ASN D 166 -31.42 -4.06 9.87
C ASN D 166 -30.30 -4.16 10.89
N PRO D 167 -30.64 -4.41 12.17
CA PRO D 167 -29.62 -4.39 13.22
C PRO D 167 -28.79 -5.66 13.34
N ASN D 168 -29.26 -6.80 12.80
CA ASN D 168 -28.63 -8.07 13.09
C ASN D 168 -27.74 -8.46 11.92
N PRO D 169 -26.42 -8.57 12.12
CA PRO D 169 -25.54 -8.93 10.99
C PRO D 169 -25.67 -10.38 10.56
N LYS D 170 -26.23 -11.25 11.40
CA LYS D 170 -26.47 -12.64 11.04
C LYS D 170 -27.74 -12.81 10.21
N GLU D 171 -28.43 -11.71 9.92
CA GLU D 171 -29.62 -11.61 9.07
C GLU D 171 -30.90 -11.90 9.84
C1 EDO E . 1.86 -0.06 -14.43
O1 EDO E . 1.70 1.25 -13.87
C2 EDO E . 3.28 -0.53 -14.18
O2 EDO E . 3.28 -1.85 -13.63
C1 EDO F . 6.81 -12.98 -2.02
O1 EDO F . 6.36 -12.69 -0.70
C2 EDO F . 7.68 -11.85 -2.55
O2 EDO F . 6.91 -10.66 -2.68
CL CL G . 29.62 -7.29 -15.46
C1 EDO H . -2.04 -3.94 -2.03
O1 EDO H . -2.62 -3.76 -3.32
C2 EDO H . -0.94 -2.91 -1.82
O2 EDO H . -1.53 -1.65 -1.52
C1 EDO I . 2.39 2.85 6.92
O1 EDO I . 2.06 2.99 8.31
C2 EDO I . 2.29 1.37 6.54
O2 EDO I . 2.16 1.25 5.11
CL CL J . 6.94 -23.67 23.77
O1 PG4 K . 4.21 11.34 5.27
C1 PG4 K . 3.45 10.27 4.74
C2 PG4 K . 2.08 10.72 4.31
O2 PG4 K . 1.33 9.59 3.88
C3 PG4 K . -0.05 9.85 3.64
C4 PG4 K . -0.89 8.76 4.22
O3 PG4 K . -0.21 7.52 4.11
C5 PG4 K . -1.04 6.37 4.29
C6 PG4 K . -0.28 5.18 3.83
O4 PG4 K . -1.16 4.07 3.69
C7 PG4 K . -1.16 3.51 2.39
C8 PG4 K . -1.77 2.15 2.42
O5 PG4 K . -1.95 1.61 1.12
CL CL L . -29.76 6.85 15.02
C1 EDO M . 1.28 1.91 -1.58
O1 EDO M . 1.06 3.05 -0.74
C2 EDO M . -0.04 1.46 -2.20
O2 EDO M . -0.93 1.00 -1.16
C1 EDO N . 3.91 6.62 0.71
O1 EDO N . 4.88 7.47 0.08
C2 EDO N . 2.74 6.43 -0.26
O2 EDO N . 1.94 5.32 0.17
CL CL O . -6.93 23.22 -23.96
#